data_3V7T
#
_entry.id   3V7T
#
_cell.length_a   81.719
_cell.length_b   81.719
_cell.length_c   170.684
_cell.angle_alpha   90.00
_cell.angle_beta   90.00
_cell.angle_gamma   90.00
#
_symmetry.space_group_name_H-M   'P 41'
#
loop_
_entity.id
_entity.type
_entity.pdbx_description
1 polymer 'TPSB2 protein'
2 non-polymer {(3-exo)-3-[5-(aminomethyl)-2-fluorophenyl]-8-azabicyclo[3.2.1]oct-8-yl}(4-bromo-3-methyl-5-propoxythiophen-2-yl)methanone
3 non-polymer 'CARBONATE ION'
4 water water
#
_entity_poly.entity_id   1
_entity_poly.type   'polypeptide(L)'
_entity_poly.pdbx_seq_one_letter_code
;IVGGQEAPRSKWPWQVSLRVHGPYWMHFCGGSLIHPQWVLTAAHCVGPDVKDLAALRVQLREQHLYYQDQLLPVSRIIVH
PQFYTAQIGADIALLELEEPVKVSSHVHTVTLPPASETFPPGMPCWVTGWGDVDNDERLPPPFPLKQVKVPIMENHICDA
KYHLGAYTGDDVRIVRDDMLCAGNTRRDSCQGDSGGPLVCKVNGTWLQAGVVSWGEGCAQPNRPGIYTRVTYYLDWIHHY
VPKKP
;
_entity_poly.pdbx_strand_id   A,B,C,D
#
# COMPACT_ATOMS: atom_id res chain seq x y z
N ILE A 1 -7.79 -14.00 -15.13
CA ILE A 1 -8.71 -15.10 -15.34
C ILE A 1 -8.97 -15.83 -14.02
N VAL A 2 -10.24 -15.88 -13.60
CA VAL A 2 -10.67 -16.55 -12.36
C VAL A 2 -11.08 -17.98 -12.71
N GLY A 3 -10.48 -18.95 -12.03
CA GLY A 3 -10.72 -20.36 -12.27
C GLY A 3 -9.99 -20.82 -13.52
N GLY A 4 -10.44 -21.96 -14.07
CA GLY A 4 -9.86 -22.53 -15.27
C GLY A 4 -8.45 -23.07 -15.06
N GLN A 5 -7.59 -22.91 -16.09
CA GLN A 5 -6.21 -23.41 -16.06
C GLN A 5 -5.29 -22.67 -17.07
N GLU A 6 -4.00 -23.05 -17.10
CA GLU A 6 -3.01 -22.53 -18.03
C GLU A 6 -3.34 -23.07 -19.43
N ALA A 7 -3.35 -22.19 -20.43
CA ALA A 7 -3.65 -22.54 -21.81
C ALA A 7 -2.49 -23.28 -22.48
N PRO A 8 -2.77 -24.34 -23.29
CA PRO A 8 -1.67 -25.01 -24.01
C PRO A 8 -1.11 -24.10 -25.10
N ARG A 9 0.17 -24.31 -25.48
CA ARG A 9 0.88 -23.51 -26.48
C ARG A 9 0.20 -23.37 -27.85
N SER A 10 -0.49 -24.42 -28.31
CA SER A 10 -1.18 -24.42 -29.60
C SER A 10 -2.47 -23.60 -29.61
N LYS A 11 -3.15 -23.48 -28.46
CA LYS A 11 -4.43 -22.77 -28.31
C LYS A 11 -4.32 -21.24 -28.25
N TRP A 12 -5.37 -20.55 -28.77
CA TRP A 12 -5.53 -19.09 -28.83
C TRP A 12 -4.37 -18.33 -29.50
N PRO A 13 -4.14 -18.51 -30.83
CA PRO A 13 -3.01 -17.81 -31.49
C PRO A 13 -3.20 -16.30 -31.69
N TRP A 14 -4.44 -15.82 -31.57
CA TRP A 14 -4.85 -14.42 -31.76
C TRP A 14 -4.62 -13.52 -30.56
N GLN A 15 -4.53 -14.10 -29.35
CA GLN A 15 -4.32 -13.40 -28.08
C GLN A 15 -3.07 -12.54 -28.08
N VAL A 16 -3.23 -11.24 -27.73
CA VAL A 16 -2.11 -10.28 -27.66
C VAL A 16 -2.07 -9.58 -26.29
N SER A 17 -0.88 -9.08 -25.93
CA SER A 17 -0.62 -8.35 -24.70
C SER A 17 -0.35 -6.89 -25.05
N LEU A 18 -1.02 -5.95 -24.35
CA LEU A 18 -0.80 -4.52 -24.58
C LEU A 18 0.17 -4.01 -23.53
N ARG A 19 1.24 -3.33 -23.98
CA ARG A 19 2.30 -2.87 -23.09
C ARG A 19 2.45 -1.35 -23.00
N VAL A 20 2.73 -0.88 -21.77
CA VAL A 20 2.94 0.54 -21.46
C VAL A 20 4.37 0.76 -20.92
N HIS A 21 5.01 1.89 -21.29
CA HIS A 21 6.37 2.19 -20.87
C HIS A 21 6.44 2.79 -19.47
N GLY A 22 7.27 2.17 -18.65
CA GLY A 22 7.58 2.56 -17.27
C GLY A 22 8.92 2.00 -16.89
N PRO A 23 9.07 1.34 -15.71
CA PRO A 23 10.37 0.72 -15.37
C PRO A 23 10.68 -0.49 -16.27
N TYR A 24 9.63 -1.00 -16.95
CA TYR A 24 9.63 -2.10 -17.91
C TYR A 24 8.34 -1.99 -18.75
N TRP A 25 8.27 -2.72 -19.89
CA TRP A 25 7.08 -2.71 -20.73
C TRP A 25 6.00 -3.59 -20.09
N MET A 26 5.26 -2.97 -19.16
CA MET A 26 4.22 -3.60 -18.33
C MET A 26 2.92 -3.87 -19.07
N HIS A 27 2.38 -5.09 -18.86
CA HIS A 27 1.09 -5.51 -19.41
C HIS A 27 0.00 -4.76 -18.64
N PHE A 28 -0.93 -4.12 -19.36
CA PHE A 28 -2.04 -3.38 -18.75
C PHE A 28 -3.39 -3.90 -19.23
N CYS A 29 -3.42 -4.44 -20.46
CA CYS A 29 -4.62 -4.97 -21.10
C CYS A 29 -4.31 -6.06 -22.11
N GLY A 30 -5.33 -6.81 -22.47
CA GLY A 30 -5.27 -7.86 -23.48
C GLY A 30 -5.85 -7.35 -24.79
N GLY A 31 -5.85 -8.22 -25.78
CA GLY A 31 -6.37 -7.92 -27.11
C GLY A 31 -6.40 -9.14 -28.01
N SER A 32 -6.90 -8.95 -29.23
CA SER A 32 -7.00 -10.02 -30.21
C SER A 32 -6.61 -9.55 -31.60
N LEU A 33 -5.87 -10.38 -32.32
CA LEU A 33 -5.45 -10.09 -33.68
C LEU A 33 -6.64 -10.44 -34.60
N ILE A 34 -7.22 -9.42 -35.26
CA ILE A 34 -8.38 -9.59 -36.15
C ILE A 34 -8.02 -9.47 -37.64
N HIS A 35 -6.80 -8.96 -37.91
CA HIS A 35 -6.21 -8.74 -39.23
C HIS A 35 -4.68 -8.66 -39.04
N PRO A 36 -3.83 -9.14 -40.00
CA PRO A 36 -2.37 -9.06 -39.79
C PRO A 36 -1.81 -7.71 -39.32
N GLN A 37 -2.50 -6.60 -39.61
CA GLN A 37 -2.07 -5.26 -39.19
C GLN A 37 -3.03 -4.60 -38.17
N TRP A 38 -4.06 -5.35 -37.70
CA TRP A 38 -5.05 -4.82 -36.77
C TRP A 38 -5.29 -5.65 -35.51
N VAL A 39 -5.32 -4.96 -34.37
CA VAL A 39 -5.58 -5.54 -33.05
C VAL A 39 -6.87 -4.93 -32.46
N LEU A 40 -7.81 -5.79 -32.06
CA LEU A 40 -9.06 -5.39 -31.44
C LEU A 40 -8.92 -5.45 -29.91
N THR A 41 -9.27 -4.35 -29.24
CA THR A 41 -9.19 -4.23 -27.78
C THR A 41 -10.35 -3.41 -27.21
N ALA A 42 -10.35 -3.18 -25.89
CA ALA A 42 -11.37 -2.38 -25.21
C ALA A 42 -10.90 -0.94 -25.21
N ALA A 43 -11.85 -0.01 -25.36
CA ALA A 43 -11.59 1.42 -25.38
C ALA A 43 -11.06 1.97 -24.06
N HIS A 44 -11.48 1.40 -22.90
CA HIS A 44 -11.03 1.84 -21.57
C HIS A 44 -9.54 1.58 -21.30
N CYS A 45 -8.94 0.65 -22.05
CA CYS A 45 -7.53 0.28 -22.00
C CYS A 45 -6.67 1.41 -22.57
N VAL A 46 -7.13 2.00 -23.68
CA VAL A 46 -6.41 3.06 -24.39
C VAL A 46 -7.16 4.41 -24.45
N GLY A 47 -8.10 4.62 -23.54
CA GLY A 47 -8.90 5.83 -23.49
C GLY A 47 -9.69 6.06 -22.22
N PRO A 48 -10.63 7.05 -22.20
CA PRO A 48 -11.03 7.93 -23.31
C PRO A 48 -10.03 9.06 -23.63
N ASP A 49 -9.02 9.26 -22.77
CA ASP A 49 -8.04 10.32 -22.99
C ASP A 49 -6.90 9.89 -23.94
N VAL A 50 -6.44 10.86 -24.76
CA VAL A 50 -5.40 10.65 -25.78
C VAL A 50 -4.09 10.09 -25.20
N LYS A 51 -3.60 8.98 -25.77
CA LYS A 51 -2.37 8.30 -25.36
C LYS A 51 -1.24 8.53 -26.37
N ASP A 52 0.01 8.51 -25.88
CA ASP A 52 1.21 8.67 -26.70
C ASP A 52 1.56 7.31 -27.32
N LEU A 53 1.62 7.26 -28.66
CA LEU A 53 1.91 6.05 -29.46
C LEU A 53 3.28 5.44 -29.13
N ALA A 54 4.27 6.30 -28.81
CA ALA A 54 5.64 5.89 -28.44
C ALA A 54 5.69 5.10 -27.13
N ALA A 55 4.75 5.37 -26.20
CA ALA A 55 4.65 4.71 -24.90
C ALA A 55 3.81 3.41 -24.93
N LEU A 56 3.44 2.94 -26.14
CA LEU A 56 2.64 1.73 -26.32
C LEU A 56 3.29 0.73 -27.28
N ARG A 57 3.18 -0.57 -26.94
CA ARG A 57 3.70 -1.69 -27.73
C ARG A 57 2.72 -2.86 -27.69
N VAL A 58 2.68 -3.65 -28.77
CA VAL A 58 1.84 -4.85 -28.87
C VAL A 58 2.73 -6.09 -28.87
N GLN A 59 2.42 -7.04 -27.97
CA GLN A 59 3.13 -8.30 -27.84
C GLN A 59 2.20 -9.42 -28.32
N LEU A 60 2.59 -10.16 -29.38
CA LEU A 60 1.79 -11.27 -29.93
C LEU A 60 1.75 -12.45 -28.97
N ARG A 61 1.03 -13.54 -29.33
CA ARG A 61 0.89 -14.74 -28.49
C ARG A 61 2.17 -15.17 -27.79
N GLU A 62 2.10 -15.19 -26.45
CA GLU A 62 3.21 -15.51 -25.57
C GLU A 62 2.68 -16.48 -24.51
N GLN A 63 3.41 -17.59 -24.26
CA GLN A 63 3.01 -18.58 -23.26
C GLN A 63 3.19 -18.03 -21.86
N HIS A 64 4.32 -17.35 -21.61
CA HIS A 64 4.66 -16.72 -20.34
C HIS A 64 5.07 -15.29 -20.60
N LEU A 65 4.33 -14.32 -19.99
CA LEU A 65 4.57 -12.88 -20.14
C LEU A 65 6.01 -12.50 -19.81
N TYR A 66 6.55 -11.50 -20.54
CA TYR A 66 7.89 -10.92 -20.38
C TYR A 66 9.10 -11.79 -20.76
N TYR A 67 8.91 -13.12 -20.93
CA TYR A 67 9.99 -14.05 -21.26
C TYR A 67 10.49 -13.95 -22.71
N GLN A 68 9.62 -14.20 -23.70
CA GLN A 68 10.01 -14.16 -25.13
C GLN A 68 9.49 -12.87 -25.79
N ASP A 69 9.78 -11.72 -25.17
CA ASP A 69 9.34 -10.40 -25.63
C ASP A 69 9.89 -9.99 -26.99
N GLN A 70 8.95 -9.71 -27.91
CA GLN A 70 9.17 -9.24 -29.28
C GLN A 70 8.11 -8.16 -29.57
N LEU A 71 8.31 -6.99 -28.94
CA LEU A 71 7.40 -5.85 -28.98
C LEU A 71 7.27 -5.17 -30.33
N LEU A 72 6.02 -4.94 -30.77
CA LEU A 72 5.69 -4.32 -32.05
C LEU A 72 5.15 -2.90 -31.87
N PRO A 73 5.61 -1.90 -32.66
CA PRO A 73 5.09 -0.54 -32.49
C PRO A 73 3.68 -0.35 -33.07
N VAL A 74 2.98 0.70 -32.61
CA VAL A 74 1.61 1.04 -33.03
C VAL A 74 1.60 2.29 -33.91
N SER A 75 0.92 2.20 -35.07
CA SER A 75 0.78 3.29 -36.04
C SER A 75 -0.41 4.18 -35.70
N ARG A 76 -1.58 3.57 -35.39
CA ARG A 76 -2.82 4.31 -35.06
C ARG A 76 -3.59 3.69 -33.89
N ILE A 77 -4.19 4.57 -33.07
CA ILE A 77 -5.06 4.20 -31.95
C ILE A 77 -6.44 4.78 -32.30
N ILE A 78 -7.41 3.91 -32.61
CA ILE A 78 -8.77 4.34 -32.95
C ILE A 78 -9.75 3.85 -31.89
N VAL A 79 -10.25 4.80 -31.07
CA VAL A 79 -11.21 4.56 -29.99
C VAL A 79 -12.59 5.01 -30.48
N HIS A 80 -13.63 4.17 -30.26
CA HIS A 80 -15.01 4.47 -30.64
C HIS A 80 -15.44 5.86 -30.12
N PRO A 81 -15.96 6.75 -31.01
CA PRO A 81 -16.32 8.11 -30.57
C PRO A 81 -17.38 8.21 -29.48
N GLN A 82 -18.22 7.18 -29.32
CA GLN A 82 -19.28 7.14 -28.31
C GLN A 82 -18.75 6.68 -26.94
N PHE A 83 -17.47 6.29 -26.86
CA PHE A 83 -16.88 5.83 -25.60
C PHE A 83 -16.44 6.92 -24.64
N TYR A 84 -16.79 6.71 -23.35
CA TYR A 84 -16.35 7.53 -22.23
C TYR A 84 -16.06 6.62 -21.03
N THR A 85 -17.02 5.75 -20.64
CA THR A 85 -16.86 4.74 -19.58
C THR A 85 -17.42 3.41 -20.07
N ALA A 86 -16.91 2.29 -19.52
CA ALA A 86 -17.34 0.94 -19.85
C ALA A 86 -18.82 0.70 -19.52
N GLN A 87 -19.34 1.36 -18.46
CA GLN A 87 -20.73 1.24 -18.02
C GLN A 87 -21.72 1.92 -18.97
N ILE A 88 -21.30 3.02 -19.62
CA ILE A 88 -22.12 3.73 -20.61
C ILE A 88 -22.20 2.86 -21.88
N GLY A 89 -21.06 2.32 -22.28
CA GLY A 89 -20.95 1.45 -23.45
C GLY A 89 -19.89 1.88 -24.43
N ALA A 90 -19.92 1.27 -25.64
CA ALA A 90 -18.98 1.49 -26.76
C ALA A 90 -17.51 1.23 -26.37
N ASP A 91 -17.29 0.31 -25.41
CA ASP A 91 -15.95 -0.06 -24.93
C ASP A 91 -15.25 -0.96 -25.96
N ILE A 92 -14.89 -0.35 -27.09
CA ILE A 92 -14.24 -0.99 -28.22
C ILE A 92 -13.20 -0.06 -28.85
N ALA A 93 -12.02 -0.60 -29.17
CA ALA A 93 -10.93 0.16 -29.76
C ALA A 93 -10.13 -0.68 -30.76
N LEU A 94 -9.47 0.00 -31.71
CA LEU A 94 -8.65 -0.64 -32.72
C LEU A 94 -7.24 -0.10 -32.66
N LEU A 95 -6.26 -0.99 -32.82
CA LEU A 95 -4.85 -0.62 -32.82
C LEU A 95 -4.24 -1.06 -34.15
N GLU A 96 -3.68 -0.11 -34.90
CA GLU A 96 -3.05 -0.40 -36.18
C GLU A 96 -1.56 -0.58 -35.96
N LEU A 97 -1.04 -1.77 -36.31
CA LEU A 97 0.39 -2.07 -36.18
C LEU A 97 1.17 -1.32 -37.26
N GLU A 98 2.44 -0.97 -36.97
CA GLU A 98 3.32 -0.24 -37.90
C GLU A 98 3.54 -1.04 -39.19
N GLU A 99 3.64 -2.38 -39.07
CA GLU A 99 3.83 -3.31 -40.17
C GLU A 99 2.96 -4.56 -39.97
N PRO A 100 2.43 -5.20 -41.05
CA PRO A 100 1.61 -6.41 -40.85
C PRO A 100 2.44 -7.58 -40.32
N VAL A 101 1.83 -8.45 -39.50
CA VAL A 101 2.51 -9.60 -38.90
C VAL A 101 2.61 -10.81 -39.82
N LYS A 102 3.67 -11.62 -39.62
CA LYS A 102 3.94 -12.84 -40.36
C LYS A 102 3.07 -13.95 -39.74
N VAL A 103 1.92 -14.24 -40.37
CA VAL A 103 0.97 -15.24 -39.88
C VAL A 103 1.50 -16.68 -39.92
N SER A 104 1.46 -17.34 -38.75
CA SER A 104 1.91 -18.73 -38.56
C SER A 104 0.78 -19.56 -37.94
N SER A 105 1.02 -20.88 -37.73
CA SER A 105 0.04 -21.77 -37.10
C SER A 105 -0.06 -21.47 -35.60
N HIS A 106 1.05 -21.00 -35.01
CA HIS A 106 1.18 -20.64 -33.60
C HIS A 106 0.67 -19.21 -33.34
N VAL A 107 0.68 -18.34 -34.38
CA VAL A 107 0.22 -16.95 -34.30
C VAL A 107 -0.54 -16.48 -35.57
N HIS A 108 -1.88 -16.42 -35.48
CA HIS A 108 -2.76 -15.98 -36.57
C HIS A 108 -4.04 -15.27 -36.07
N THR A 109 -4.79 -14.65 -37.00
CA THR A 109 -6.00 -13.87 -36.72
C THR A 109 -7.21 -14.69 -36.25
N VAL A 110 -8.17 -14.02 -35.57
CA VAL A 110 -9.44 -14.59 -35.11
C VAL A 110 -10.55 -14.14 -36.07
N THR A 111 -11.50 -15.05 -36.36
CA THR A 111 -12.60 -14.75 -37.27
C THR A 111 -13.70 -13.97 -36.53
N LEU A 112 -14.13 -12.84 -37.13
CA LEU A 112 -15.19 -11.99 -36.58
C LEU A 112 -16.55 -12.65 -36.91
N PRO A 113 -17.56 -12.57 -36.01
CA PRO A 113 -18.85 -13.23 -36.33
C PRO A 113 -19.76 -12.42 -37.26
N PRO A 114 -20.72 -13.05 -37.98
CA PRO A 114 -21.63 -12.27 -38.84
C PRO A 114 -22.59 -11.41 -38.01
N ALA A 115 -23.17 -10.36 -38.63
CA ALA A 115 -24.08 -9.40 -37.99
C ALA A 115 -25.30 -10.02 -37.29
N SER A 116 -25.85 -11.11 -37.86
CA SER A 116 -27.02 -11.81 -37.33
C SER A 116 -26.68 -12.86 -36.25
N GLU A 117 -25.38 -13.12 -36.01
CA GLU A 117 -24.95 -14.12 -35.03
C GLU A 117 -25.24 -13.73 -33.58
N THR A 118 -26.17 -14.46 -32.97
CA THR A 118 -26.57 -14.30 -31.57
C THR A 118 -25.92 -15.45 -30.81
N PHE A 119 -25.35 -15.16 -29.63
CA PHE A 119 -24.69 -16.16 -28.81
C PHE A 119 -25.59 -16.53 -27.62
N PRO A 120 -26.37 -17.64 -27.74
CA PRO A 120 -27.31 -17.98 -26.67
C PRO A 120 -26.71 -18.86 -25.55
N PRO A 121 -27.38 -19.01 -24.38
CA PRO A 121 -26.83 -19.87 -23.30
C PRO A 121 -26.68 -21.33 -23.72
N GLY A 122 -25.64 -21.98 -23.21
CA GLY A 122 -25.32 -23.38 -23.50
C GLY A 122 -24.21 -23.56 -24.51
N MET A 123 -23.92 -22.50 -25.29
CA MET A 123 -22.88 -22.45 -26.32
C MET A 123 -21.47 -22.52 -25.68
N PRO A 124 -20.54 -23.37 -26.20
CA PRO A 124 -19.20 -23.42 -25.59
C PRO A 124 -18.38 -22.17 -25.90
N CYS A 125 -18.13 -21.37 -24.85
CA CYS A 125 -17.38 -20.12 -24.95
C CYS A 125 -16.21 -20.05 -23.98
N TRP A 126 -15.08 -19.49 -24.43
CA TRP A 126 -13.86 -19.37 -23.63
C TRP A 126 -13.33 -17.94 -23.61
N VAL A 127 -12.78 -17.53 -22.46
CA VAL A 127 -12.15 -16.22 -22.27
C VAL A 127 -10.69 -16.43 -21.81
N THR A 128 -9.75 -15.67 -22.42
CA THR A 128 -8.32 -15.81 -22.14
C THR A 128 -7.63 -14.50 -21.77
N GLY A 129 -6.52 -14.61 -21.05
CA GLY A 129 -5.72 -13.46 -20.65
C GLY A 129 -4.75 -13.69 -19.51
N TRP A 130 -3.94 -12.65 -19.22
CA TRP A 130 -2.94 -12.65 -18.15
C TRP A 130 -3.38 -11.79 -16.96
N GLY A 131 -4.68 -11.60 -16.82
CA GLY A 131 -5.26 -10.81 -15.74
C GLY A 131 -5.30 -11.50 -14.40
N ASP A 132 -5.80 -10.78 -13.39
CA ASP A 132 -5.92 -11.24 -11.99
C ASP A 132 -6.63 -12.58 -11.86
N VAL A 133 -6.14 -13.44 -10.96
CA VAL A 133 -6.70 -14.77 -10.70
C VAL A 133 -7.91 -14.75 -9.76
N ASP A 134 -8.11 -13.63 -9.05
CA ASP A 134 -9.22 -13.35 -8.12
C ASP A 134 -9.21 -11.84 -7.83
N ASN A 135 -10.18 -11.36 -7.02
CA ASN A 135 -10.26 -9.95 -6.63
C ASN A 135 -9.02 -9.60 -5.78
N ASP A 136 -8.23 -8.61 -6.26
CA ASP A 136 -6.98 -8.14 -5.64
C ASP A 136 -5.85 -9.19 -5.54
N GLU A 137 -5.95 -10.27 -6.34
CA GLU A 137 -4.95 -11.34 -6.41
C GLU A 137 -4.44 -11.41 -7.85
N ARG A 138 -3.27 -10.81 -8.09
CA ARG A 138 -2.61 -10.74 -9.40
C ARG A 138 -2.16 -12.11 -9.90
N LEU A 139 -1.97 -12.25 -11.23
CA LEU A 139 -1.48 -13.49 -11.83
C LEU A 139 -0.02 -13.71 -11.37
N PRO A 140 0.26 -14.84 -10.70
CA PRO A 140 1.63 -15.07 -10.19
C PRO A 140 2.66 -15.35 -11.28
N PRO A 141 3.97 -15.05 -11.04
CA PRO A 141 4.99 -15.40 -12.04
C PRO A 141 5.10 -16.92 -12.21
N PRO A 142 5.48 -17.49 -13.38
CA PRO A 142 5.97 -16.86 -14.62
C PRO A 142 4.90 -16.25 -15.55
N PHE A 143 3.75 -15.84 -14.98
CA PHE A 143 2.61 -15.23 -15.67
C PHE A 143 2.14 -16.05 -16.90
N PRO A 144 1.63 -17.28 -16.72
CA PRO A 144 1.20 -18.06 -17.88
C PRO A 144 -0.15 -17.59 -18.44
N LEU A 145 -0.37 -17.81 -19.75
CA LEU A 145 -1.62 -17.45 -20.39
C LEU A 145 -2.71 -18.39 -19.86
N LYS A 146 -3.72 -17.81 -19.20
CA LYS A 146 -4.81 -18.58 -18.62
C LYS A 146 -6.04 -18.63 -19.52
N GLN A 147 -6.84 -19.69 -19.36
CA GLN A 147 -8.08 -19.91 -20.10
C GLN A 147 -9.17 -20.42 -19.16
N VAL A 148 -10.43 -20.04 -19.43
CA VAL A 148 -11.59 -20.47 -18.65
C VAL A 148 -12.84 -20.57 -19.53
N LYS A 149 -13.57 -21.69 -19.43
CA LYS A 149 -14.82 -21.90 -20.15
C LYS A 149 -15.91 -21.20 -19.33
N VAL A 150 -16.57 -20.20 -19.93
CA VAL A 150 -17.60 -19.41 -19.23
C VAL A 150 -19.02 -19.63 -19.77
N PRO A 151 -20.03 -19.79 -18.89
CA PRO A 151 -21.40 -19.97 -19.41
C PRO A 151 -22.05 -18.65 -19.78
N ILE A 152 -22.64 -18.58 -20.99
CA ILE A 152 -23.32 -17.40 -21.51
C ILE A 152 -24.65 -17.21 -20.78
N MET A 153 -24.94 -15.97 -20.37
CA MET A 153 -26.19 -15.59 -19.72
C MET A 153 -26.90 -14.58 -20.61
N GLU A 154 -28.20 -14.78 -20.87
CA GLU A 154 -29.03 -13.88 -21.69
C GLU A 154 -29.03 -12.47 -21.10
N ASN A 155 -28.94 -11.42 -21.95
CA ASN A 155 -28.89 -10.02 -21.54
C ASN A 155 -29.93 -9.62 -20.48
N HIS A 156 -31.22 -9.99 -20.69
CA HIS A 156 -32.29 -9.67 -19.74
C HIS A 156 -32.15 -10.39 -18.39
N ILE A 157 -31.65 -11.65 -18.41
CA ILE A 157 -31.41 -12.44 -17.19
C ILE A 157 -30.20 -11.83 -16.45
N CYS A 158 -29.15 -11.46 -17.20
CA CYS A 158 -27.94 -10.83 -16.64
C CYS A 158 -28.25 -9.46 -16.04
N ASP A 159 -29.11 -8.67 -16.73
CA ASP A 159 -29.54 -7.36 -16.27
C ASP A 159 -30.32 -7.49 -14.96
N ALA A 160 -31.20 -8.50 -14.86
CA ALA A 160 -32.01 -8.80 -13.67
C ALA A 160 -31.10 -9.17 -12.49
N LYS A 161 -30.05 -9.97 -12.74
CA LYS A 161 -29.05 -10.39 -11.73
C LYS A 161 -28.30 -9.18 -11.16
N TYR A 162 -27.96 -8.20 -12.02
CA TYR A 162 -27.27 -6.97 -11.64
C TYR A 162 -28.11 -6.04 -10.76
N HIS A 163 -29.45 -6.19 -10.80
CA HIS A 163 -30.39 -5.42 -9.98
C HIS A 163 -30.56 -6.03 -8.58
N LEU A 164 -30.22 -7.32 -8.39
CA LEU A 164 -30.30 -8.00 -7.09
C LEU A 164 -29.26 -7.41 -6.14
N GLY A 165 -29.73 -6.87 -5.02
CA GLY A 165 -28.89 -6.23 -4.02
C GLY A 165 -28.48 -4.81 -4.39
N ALA A 166 -29.21 -4.19 -5.33
CA ALA A 166 -28.97 -2.83 -5.81
C ALA A 166 -30.21 -1.95 -5.71
N TYR A 167 -30.01 -0.62 -5.54
CA TYR A 167 -31.09 0.36 -5.45
C TYR A 167 -31.65 0.73 -6.82
N THR A 168 -30.83 0.56 -7.89
CA THR A 168 -31.15 0.86 -9.29
C THR A 168 -32.50 0.23 -9.68
N GLY A 169 -33.38 1.07 -10.24
CA GLY A 169 -34.72 0.65 -10.67
C GLY A 169 -34.69 -0.48 -11.67
N ASP A 170 -35.64 -1.45 -11.53
CA ASP A 170 -35.76 -2.63 -12.39
C ASP A 170 -35.89 -2.30 -13.87
N ASP A 171 -36.52 -1.14 -14.18
CA ASP A 171 -36.73 -0.62 -15.53
C ASP A 171 -35.48 0.09 -16.09
N VAL A 172 -34.50 0.40 -15.21
CA VAL A 172 -33.25 1.07 -15.57
C VAL A 172 -32.21 0.02 -15.98
N ARG A 173 -31.85 0.00 -17.27
CA ARG A 173 -30.90 -0.97 -17.83
C ARG A 173 -29.46 -0.75 -17.36
N ILE A 174 -28.86 -1.82 -16.79
CA ILE A 174 -27.46 -1.85 -16.34
C ILE A 174 -26.66 -2.50 -17.49
N VAL A 175 -27.10 -3.68 -17.94
CA VAL A 175 -26.50 -4.43 -19.05
C VAL A 175 -27.19 -3.93 -20.31
N ARG A 176 -26.45 -3.17 -21.13
CA ARG A 176 -26.96 -2.56 -22.37
C ARG A 176 -26.97 -3.55 -23.53
N ASP A 177 -27.65 -3.19 -24.65
CA ASP A 177 -27.76 -4.01 -25.85
C ASP A 177 -26.43 -4.24 -26.59
N ASP A 178 -25.46 -3.32 -26.41
CA ASP A 178 -24.12 -3.42 -27.00
C ASP A 178 -23.18 -4.24 -26.09
N MET A 179 -23.76 -4.90 -25.07
CA MET A 179 -23.03 -5.71 -24.11
C MET A 179 -23.46 -7.18 -24.14
N LEU A 180 -22.57 -8.07 -23.68
CA LEU A 180 -22.76 -9.51 -23.62
C LEU A 180 -22.36 -9.99 -22.23
N CYS A 181 -23.09 -10.98 -21.69
CA CYS A 181 -22.80 -11.54 -20.37
C CYS A 181 -22.30 -12.98 -20.42
N ALA A 182 -21.30 -13.28 -19.56
CA ALA A 182 -20.70 -14.60 -19.41
C ALA A 182 -19.97 -14.73 -18.08
N GLY A 183 -20.04 -15.92 -17.49
CA GLY A 183 -19.38 -16.22 -16.23
C GLY A 183 -20.28 -16.49 -15.05
N ASN A 184 -19.67 -16.96 -13.94
CA ASN A 184 -20.31 -17.28 -12.66
C ASN A 184 -19.33 -17.03 -11.49
N THR A 185 -19.65 -17.57 -10.29
CA THR A 185 -18.81 -17.42 -9.08
C THR A 185 -17.48 -18.21 -9.10
N ARG A 186 -17.31 -19.11 -10.09
CA ARG A 186 -16.11 -19.95 -10.22
C ARG A 186 -15.32 -19.64 -11.50
N ARG A 187 -16.02 -19.14 -12.55
CA ARG A 187 -15.45 -18.86 -13.87
C ARG A 187 -15.73 -17.42 -14.29
N ASP A 188 -14.66 -16.63 -14.57
CA ASP A 188 -14.79 -15.21 -14.96
C ASP A 188 -13.47 -14.61 -15.43
N SER A 189 -13.57 -13.47 -16.13
CA SER A 189 -12.46 -12.63 -16.56
C SER A 189 -12.26 -11.62 -15.42
N CYS A 190 -11.09 -10.96 -15.36
CA CYS A 190 -10.81 -10.01 -14.29
C CYS A 190 -9.93 -8.85 -14.78
N GLN A 191 -9.55 -7.93 -13.86
CA GLN A 191 -8.68 -6.79 -14.18
C GLN A 191 -7.35 -7.33 -14.73
N GLY A 192 -6.99 -6.86 -15.91
CA GLY A 192 -5.81 -7.29 -16.65
C GLY A 192 -6.17 -8.08 -17.88
N ASP A 193 -7.38 -8.70 -17.89
CA ASP A 193 -7.91 -9.47 -19.01
C ASP A 193 -8.65 -8.55 -19.99
N SER A 194 -8.97 -7.31 -19.55
CA SER A 194 -9.68 -6.29 -20.32
C SER A 194 -9.09 -6.10 -21.71
N GLY A 195 -9.97 -6.03 -22.70
CA GLY A 195 -9.57 -5.91 -24.10
C GLY A 195 -9.39 -7.24 -24.79
N GLY A 196 -9.18 -8.28 -23.99
CA GLY A 196 -8.98 -9.65 -24.45
C GLY A 196 -10.22 -10.27 -25.10
N PRO A 197 -10.04 -11.40 -25.81
CA PRO A 197 -11.19 -11.98 -26.52
C PRO A 197 -12.02 -13.01 -25.75
N LEU A 198 -13.31 -13.07 -26.11
CA LEU A 198 -14.27 -14.06 -25.65
C LEU A 198 -14.68 -14.79 -26.92
N VAL A 199 -14.12 -16.00 -27.11
CA VAL A 199 -14.36 -16.82 -28.30
C VAL A 199 -15.37 -17.94 -28.07
N CYS A 200 -16.21 -18.20 -29.09
CA CYS A 200 -17.24 -19.25 -29.07
C CYS A 200 -17.11 -20.13 -30.31
N LYS A 201 -17.14 -21.46 -30.12
CA LYS A 201 -17.03 -22.40 -31.24
C LYS A 201 -18.42 -22.58 -31.89
N VAL A 202 -18.63 -21.91 -33.03
CA VAL A 202 -19.90 -21.95 -33.78
C VAL A 202 -19.68 -22.72 -35.09
N ASN A 203 -20.29 -23.92 -35.18
CA ASN A 203 -20.23 -24.84 -36.33
C ASN A 203 -18.79 -25.20 -36.77
N GLY A 204 -17.96 -25.56 -35.78
CA GLY A 204 -16.57 -25.96 -35.99
C GLY A 204 -15.58 -24.83 -36.21
N THR A 205 -16.02 -23.57 -36.01
CA THR A 205 -15.16 -22.38 -36.17
C THR A 205 -15.25 -21.41 -34.99
N TRP A 206 -14.08 -20.93 -34.52
CA TRP A 206 -13.98 -20.00 -33.40
C TRP A 206 -14.31 -18.58 -33.84
N LEU A 207 -15.29 -17.95 -33.17
CA LEU A 207 -15.72 -16.58 -33.46
C LEU A 207 -15.66 -15.74 -32.19
N GLN A 208 -15.05 -14.53 -32.29
CA GLN A 208 -14.94 -13.63 -31.15
C GLN A 208 -16.28 -12.96 -30.87
N ALA A 209 -16.99 -13.47 -29.86
CA ALA A 209 -18.30 -12.97 -29.43
C ALA A 209 -18.20 -11.66 -28.66
N GLY A 210 -17.21 -11.55 -27.79
CA GLY A 210 -17.02 -10.37 -26.96
C GLY A 210 -15.60 -9.91 -26.72
N VAL A 211 -15.50 -8.70 -26.12
CA VAL A 211 -14.25 -8.04 -25.74
C VAL A 211 -14.39 -7.78 -24.23
N VAL A 212 -13.46 -8.31 -23.39
CA VAL A 212 -13.48 -8.13 -21.94
C VAL A 212 -13.63 -6.63 -21.62
N SER A 213 -14.75 -6.26 -21.00
CA SER A 213 -15.06 -4.86 -20.71
C SER A 213 -15.05 -4.51 -19.22
N TRP A 214 -16.04 -4.99 -18.46
CA TRP A 214 -16.18 -4.67 -17.04
C TRP A 214 -17.00 -5.69 -16.25
N GLY A 215 -17.31 -5.33 -15.02
CA GLY A 215 -18.11 -6.11 -14.09
C GLY A 215 -17.94 -5.62 -12.67
N GLU A 216 -18.89 -5.94 -11.79
CA GLU A 216 -18.79 -5.57 -10.38
C GLU A 216 -17.93 -6.64 -9.72
N GLY A 217 -16.63 -6.35 -9.66
CA GLY A 217 -15.63 -7.28 -9.14
C GLY A 217 -15.41 -8.43 -10.09
N CYS A 218 -14.86 -9.53 -9.59
CA CYS A 218 -14.58 -10.73 -10.37
C CYS A 218 -15.15 -11.96 -9.67
N ALA A 219 -15.94 -12.75 -10.41
CA ALA A 219 -16.64 -13.97 -9.96
C ALA A 219 -17.44 -13.78 -8.65
N GLN A 220 -18.15 -12.63 -8.55
CA GLN A 220 -18.96 -12.30 -7.38
C GLN A 220 -20.42 -12.77 -7.57
N PRO A 221 -21.17 -13.11 -6.48
CA PRO A 221 -22.56 -13.58 -6.67
C PRO A 221 -23.46 -12.57 -7.39
N ASN A 222 -24.24 -13.07 -8.38
CA ASN A 222 -25.19 -12.31 -9.21
C ASN A 222 -24.54 -11.20 -10.06
N ARG A 223 -23.20 -11.27 -10.25
CA ARG A 223 -22.47 -10.27 -11.02
C ARG A 223 -21.61 -10.91 -12.14
N PRO A 224 -22.23 -11.47 -13.22
CA PRO A 224 -21.41 -12.06 -14.30
C PRO A 224 -20.55 -11.03 -15.04
N GLY A 225 -19.50 -11.51 -15.69
CA GLY A 225 -18.60 -10.67 -16.47
C GLY A 225 -19.30 -10.05 -17.65
N ILE A 226 -19.03 -8.76 -17.91
CA ILE A 226 -19.64 -8.04 -19.02
C ILE A 226 -18.62 -7.78 -20.13
N TYR A 227 -19.04 -8.07 -21.37
CA TYR A 227 -18.22 -7.96 -22.56
C TYR A 227 -18.86 -7.05 -23.58
N THR A 228 -18.04 -6.38 -24.42
CA THR A 228 -18.54 -5.53 -25.49
C THR A 228 -18.98 -6.48 -26.62
N ARG A 229 -20.25 -6.37 -27.07
CA ARG A 229 -20.81 -7.22 -28.13
C ARG A 229 -20.17 -6.85 -29.48
N VAL A 230 -19.33 -7.76 -30.02
CA VAL A 230 -18.61 -7.59 -31.28
C VAL A 230 -19.54 -7.34 -32.48
N THR A 231 -20.65 -8.09 -32.58
CA THR A 231 -21.64 -7.97 -33.67
C THR A 231 -22.22 -6.57 -33.79
N TYR A 232 -22.42 -5.88 -32.65
CA TYR A 232 -22.95 -4.53 -32.56
C TYR A 232 -22.03 -3.49 -33.23
N TYR A 233 -20.70 -3.68 -33.11
CA TYR A 233 -19.71 -2.74 -33.66
C TYR A 233 -19.02 -3.19 -34.95
N LEU A 234 -19.65 -4.15 -35.65
CA LEU A 234 -19.18 -4.72 -36.92
C LEU A 234 -19.01 -3.68 -38.04
N ASP A 235 -19.96 -2.72 -38.14
CA ASP A 235 -19.92 -1.63 -39.13
C ASP A 235 -18.77 -0.68 -38.86
N TRP A 236 -18.51 -0.39 -37.56
CA TRP A 236 -17.43 0.48 -37.12
C TRP A 236 -16.06 -0.17 -37.35
N ILE A 237 -15.95 -1.50 -37.10
CA ILE A 237 -14.72 -2.28 -37.28
C ILE A 237 -14.36 -2.32 -38.78
N HIS A 238 -15.34 -2.70 -39.64
CA HIS A 238 -15.16 -2.80 -41.10
C HIS A 238 -14.84 -1.47 -41.81
N HIS A 239 -15.10 -0.33 -41.13
CA HIS A 239 -14.81 1.02 -41.63
C HIS A 239 -13.30 1.25 -41.66
N TYR A 240 -12.55 0.64 -40.72
CA TYR A 240 -11.10 0.76 -40.60
C TYR A 240 -10.37 -0.52 -40.99
N VAL A 241 -10.96 -1.69 -40.69
CA VAL A 241 -10.37 -3.01 -40.95
C VAL A 241 -10.90 -3.63 -42.26
N PRO A 242 -10.02 -3.95 -43.24
CA PRO A 242 -10.51 -4.56 -44.49
C PRO A 242 -10.85 -6.03 -44.37
N ILE B 1 -0.91 1.40 21.93
CA ILE B 1 -1.28 0.67 23.15
C ILE B 1 -2.27 -0.44 22.81
N VAL B 2 -1.91 -1.70 23.13
CA VAL B 2 -2.74 -2.88 22.91
C VAL B 2 -3.51 -3.15 24.20
N GLY B 3 -4.84 -3.25 24.09
CA GLY B 3 -5.74 -3.45 25.22
C GLY B 3 -5.92 -2.18 26.03
N GLY B 4 -6.40 -2.33 27.26
CA GLY B 4 -6.63 -1.22 28.17
C GLY B 4 -7.78 -0.32 27.77
N GLN B 5 -7.61 1.00 27.95
CA GLN B 5 -8.64 2.01 27.65
C GLN B 5 -8.06 3.43 27.50
N GLU B 6 -8.95 4.41 27.20
CA GLU B 6 -8.63 5.83 27.09
C GLU B 6 -8.31 6.35 28.49
N ALA B 7 -7.19 7.07 28.63
CA ALA B 7 -6.72 7.63 29.89
C ALA B 7 -7.57 8.82 30.36
N PRO B 8 -7.87 8.94 31.69
CA PRO B 8 -8.62 10.11 32.17
C PRO B 8 -7.74 11.36 32.07
N ARG B 9 -8.36 12.54 31.91
CA ARG B 9 -7.68 13.83 31.76
C ARG B 9 -6.71 14.19 32.88
N SER B 10 -7.00 13.72 34.12
CA SER B 10 -6.17 13.95 35.30
C SER B 10 -4.94 13.04 35.38
N LYS B 11 -4.92 11.93 34.62
CA LYS B 11 -3.82 10.97 34.63
C LYS B 11 -2.72 11.21 33.59
N TRP B 12 -1.48 10.81 33.94
CA TRP B 12 -0.24 10.90 33.15
C TRP B 12 0.12 12.32 32.68
N PRO B 13 0.38 13.28 33.61
CA PRO B 13 0.72 14.66 33.19
C PRO B 13 2.10 14.84 32.54
N TRP B 14 2.97 13.82 32.66
CA TRP B 14 4.34 13.82 32.12
C TRP B 14 4.41 13.39 30.66
N GLN B 15 3.39 12.67 30.15
CA GLN B 15 3.31 12.17 28.79
C GLN B 15 3.45 13.27 27.73
N VAL B 16 4.39 13.10 26.79
CA VAL B 16 4.60 14.04 25.68
C VAL B 16 4.54 13.33 24.33
N SER B 17 4.25 14.09 23.27
CA SER B 17 4.19 13.61 21.89
C SER B 17 5.32 14.24 21.10
N LEU B 18 6.10 13.42 20.37
CA LEU B 18 7.21 13.92 19.54
C LEU B 18 6.70 14.09 18.11
N ARG B 19 6.94 15.28 17.54
CA ARG B 19 6.44 15.64 16.20
C ARG B 19 7.53 15.86 15.16
N VAL B 20 7.25 15.43 13.92
CA VAL B 20 8.14 15.55 12.77
C VAL B 20 7.44 16.35 11.64
N HIS B 21 8.18 17.27 10.99
CA HIS B 21 7.64 18.09 9.91
C HIS B 21 7.47 17.32 8.60
N GLY B 22 6.38 17.63 7.90
CA GLY B 22 6.01 17.05 6.61
C GLY B 22 4.72 17.71 6.14
N PRO B 23 3.68 16.94 5.78
CA PRO B 23 2.40 17.57 5.40
C PRO B 23 1.74 18.24 6.60
N TYR B 24 2.05 17.73 7.81
CA TYR B 24 1.59 18.22 9.10
C TYR B 24 2.59 17.78 10.18
N TRP B 25 2.49 18.34 11.41
CA TRP B 25 3.37 17.98 12.52
C TRP B 25 2.92 16.63 13.08
N MET B 26 3.35 15.55 12.39
CA MET B 26 2.98 14.16 12.66
C MET B 26 3.68 13.55 13.87
N HIS B 27 2.89 12.84 14.70
CA HIS B 27 3.39 12.11 15.87
C HIS B 27 4.15 10.88 15.36
N PHE B 28 5.38 10.68 15.84
CA PHE B 28 6.21 9.55 15.45
C PHE B 28 6.64 8.73 16.66
N CYS B 29 6.75 9.39 17.83
CA CYS B 29 7.17 8.76 19.08
C CYS B 29 6.60 9.48 20.30
N GLY B 30 6.57 8.77 21.42
CA GLY B 30 6.15 9.30 22.70
C GLY B 30 7.37 9.75 23.49
N GLY B 31 7.13 10.29 24.66
CA GLY B 31 8.17 10.78 25.56
C GLY B 31 7.62 11.12 26.93
N SER B 32 8.50 11.55 27.83
CA SER B 32 8.11 11.93 29.19
C SER B 32 8.88 13.14 29.68
N LEU B 33 8.17 14.06 30.36
CA LEU B 33 8.79 15.25 30.94
C LEU B 33 9.37 14.81 32.29
N ILE B 34 10.70 14.81 32.41
CA ILE B 34 11.43 14.40 33.61
C ILE B 34 11.98 15.60 34.40
N HIS B 35 12.09 16.75 33.72
CA HIS B 35 12.56 18.04 34.23
C HIS B 35 11.81 19.12 33.43
N PRO B 36 11.44 20.29 34.01
CA PRO B 36 10.71 21.31 33.22
C PRO B 36 11.28 21.67 31.86
N GLN B 37 12.60 21.46 31.64
CA GLN B 37 13.25 21.73 30.36
C GLN B 37 13.77 20.47 29.66
N TRP B 38 13.56 19.26 30.25
CA TRP B 38 14.05 18.01 29.67
C TRP B 38 12.99 16.94 29.42
N VAL B 39 13.09 16.31 28.24
CA VAL B 39 12.21 15.23 27.80
C VAL B 39 13.02 13.94 27.62
N LEU B 40 12.56 12.86 28.26
CA LEU B 40 13.18 11.53 28.17
C LEU B 40 12.42 10.72 27.10
N THR B 41 13.17 10.12 26.16
CA THR B 41 12.61 9.32 25.06
C THR B 41 13.54 8.15 24.69
N ALA B 42 13.20 7.41 23.62
CA ALA B 42 14.01 6.30 23.13
C ALA B 42 14.92 6.83 22.03
N ALA B 43 16.15 6.31 21.99
CA ALA B 43 17.17 6.71 21.02
C ALA B 43 16.79 6.36 19.57
N HIS B 44 16.04 5.26 19.35
CA HIS B 44 15.61 4.85 18.00
C HIS B 44 14.60 5.81 17.36
N CYS B 45 13.95 6.64 18.19
CA CYS B 45 12.99 7.65 17.76
C CYS B 45 13.72 8.81 17.06
N VAL B 46 14.88 9.20 17.60
CA VAL B 46 15.69 10.32 17.11
C VAL B 46 17.10 9.93 16.62
N GLY B 47 17.33 8.64 16.37
CA GLY B 47 18.62 8.14 15.91
C GLY B 47 18.61 6.75 15.30
N PRO B 48 19.78 6.10 15.09
CA PRO B 48 21.16 6.54 15.42
C PRO B 48 21.68 7.69 14.55
N ASP B 49 21.07 7.93 13.38
CA ASP B 49 21.47 8.99 12.46
C ASP B 49 21.02 10.36 12.95
N VAL B 50 21.88 11.38 12.76
CA VAL B 50 21.67 12.78 13.18
C VAL B 50 20.45 13.40 12.49
N LYS B 51 19.50 13.89 13.31
CA LYS B 51 18.25 14.53 12.87
C LYS B 51 18.35 16.05 12.96
N ASP B 52 17.60 16.76 12.11
CA ASP B 52 17.54 18.23 12.09
C ASP B 52 16.58 18.73 13.19
N LEU B 53 17.11 19.59 14.09
CA LEU B 53 16.37 20.18 15.21
C LEU B 53 15.10 20.93 14.79
N ALA B 54 15.18 21.70 13.67
CA ALA B 54 14.09 22.50 13.11
C ALA B 54 12.87 21.66 12.68
N ALA B 55 13.12 20.40 12.26
CA ALA B 55 12.06 19.47 11.83
C ALA B 55 11.41 18.72 13.01
N LEU B 56 11.85 19.00 14.26
CA LEU B 56 11.35 18.36 15.47
C LEU B 56 10.65 19.33 16.43
N ARG B 57 9.50 18.91 16.97
CA ARG B 57 8.71 19.67 17.96
C ARG B 57 8.23 18.74 19.06
N VAL B 58 8.08 19.29 20.27
CA VAL B 58 7.58 18.57 21.44
C VAL B 58 6.19 19.09 21.80
N GLN B 59 5.21 18.18 21.93
CA GLN B 59 3.84 18.50 22.30
C GLN B 59 3.58 17.91 23.69
N LEU B 60 3.21 18.75 24.66
CA LEU B 60 2.92 18.31 26.04
C LEU B 60 1.61 17.52 26.10
N ARG B 61 1.26 16.95 27.28
CA ARG B 61 0.06 16.14 27.48
C ARG B 61 -1.19 16.68 26.79
N GLU B 62 -1.74 15.86 25.92
CA GLU B 62 -2.91 16.15 25.10
C GLU B 62 -3.88 14.98 25.24
N GLN B 63 -5.16 15.26 25.51
CA GLN B 63 -6.16 14.20 25.63
C GLN B 63 -6.41 13.55 24.27
N HIS B 64 -6.43 14.37 23.21
CA HIS B 64 -6.62 13.95 21.83
C HIS B 64 -5.57 14.60 20.94
N LEU B 65 -4.72 13.78 20.28
CA LEU B 65 -3.64 14.22 19.40
C LEU B 65 -4.10 15.17 18.32
N TYR B 66 -3.29 16.21 18.03
CA TYR B 66 -3.48 17.24 17.00
C TYR B 66 -4.57 18.30 17.25
N TYR B 67 -5.58 17.99 18.09
CA TYR B 67 -6.72 18.87 18.37
C TYR B 67 -6.46 20.17 19.12
N GLN B 68 -5.51 20.19 20.08
CA GLN B 68 -5.19 21.39 20.86
C GLN B 68 -3.66 21.63 20.87
N ASP B 69 -3.04 21.58 19.66
CA ASP B 69 -1.60 21.71 19.46
C ASP B 69 -0.95 23.01 19.91
N GLN B 70 0.09 22.87 20.75
CA GLN B 70 0.95 23.92 21.28
C GLN B 70 2.39 23.39 21.17
N LEU B 71 2.89 23.31 19.92
CA LEU B 71 4.23 22.77 19.60
C LEU B 71 5.37 23.59 20.22
N LEU B 72 6.30 22.89 20.88
CA LEU B 72 7.46 23.51 21.54
C LEU B 72 8.77 23.17 20.83
N PRO B 73 9.66 24.17 20.59
CA PRO B 73 10.93 23.86 19.91
C PRO B 73 11.95 23.15 20.82
N VAL B 74 12.89 22.43 20.21
CA VAL B 74 13.96 21.69 20.87
C VAL B 74 15.29 22.39 20.59
N SER B 75 16.15 22.53 21.62
CA SER B 75 17.45 23.16 21.50
C SER B 75 18.59 22.15 21.37
N ARG B 76 18.46 20.97 22.03
CA ARG B 76 19.47 19.92 22.03
C ARG B 76 18.88 18.51 21.99
N ILE B 77 19.51 17.61 21.20
CA ILE B 77 19.16 16.20 21.08
C ILE B 77 20.39 15.42 21.57
N ILE B 78 20.25 14.72 22.71
CA ILE B 78 21.34 13.93 23.28
C ILE B 78 20.99 12.46 23.27
N VAL B 79 21.59 11.71 22.34
CA VAL B 79 21.39 10.28 22.15
C VAL B 79 22.57 9.54 22.78
N HIS B 80 22.30 8.46 23.54
CA HIS B 80 23.33 7.66 24.19
C HIS B 80 24.37 7.15 23.17
N PRO B 81 25.69 7.35 23.43
CA PRO B 81 26.71 6.92 22.44
C PRO B 81 26.79 5.42 22.17
N GLN B 82 26.32 4.57 23.11
CA GLN B 82 26.35 3.12 22.94
C GLN B 82 25.20 2.63 22.05
N PHE B 83 24.26 3.53 21.68
CA PHE B 83 23.12 3.17 20.84
C PHE B 83 23.41 3.10 19.36
N TYR B 84 22.89 2.03 18.74
CA TYR B 84 22.89 1.84 17.30
C TYR B 84 21.56 1.18 16.90
N THR B 85 21.16 0.15 17.66
CA THR B 85 19.94 -0.61 17.45
C THR B 85 19.27 -0.93 18.81
N ALA B 86 17.92 -0.98 18.84
CA ALA B 86 17.15 -1.27 20.06
C ALA B 86 17.48 -2.65 20.66
N GLN B 87 17.79 -3.64 19.80
CA GLN B 87 18.14 -5.01 20.19
C GLN B 87 19.53 -5.09 20.84
N ILE B 88 20.48 -4.22 20.42
CA ILE B 88 21.82 -4.16 21.01
C ILE B 88 21.70 -3.51 22.41
N GLY B 89 20.87 -2.48 22.51
CA GLY B 89 20.61 -1.79 23.76
C GLY B 89 20.90 -0.30 23.73
N ALA B 90 20.93 0.32 24.92
CA ALA B 90 21.15 1.76 25.17
C ALA B 90 20.13 2.64 24.43
N ASP B 91 18.89 2.13 24.26
CA ASP B 91 17.81 2.85 23.59
C ASP B 91 17.22 3.92 24.49
N ILE B 92 18.01 4.99 24.71
CA ILE B 92 17.67 6.12 25.58
C ILE B 92 18.18 7.44 24.96
N ALA B 93 17.35 8.49 25.03
CA ALA B 93 17.68 9.82 24.49
C ALA B 93 17.06 10.93 25.33
N LEU B 94 17.72 12.10 25.34
CA LEU B 94 17.26 13.28 26.07
C LEU B 94 17.05 14.45 25.12
N LEU B 95 15.93 15.15 25.29
CA LEU B 95 15.61 16.33 24.47
C LEU B 95 15.51 17.54 25.38
N GLU B 96 16.34 18.55 25.12
CA GLU B 96 16.30 19.79 25.90
C GLU B 96 15.45 20.80 25.17
N LEU B 97 14.40 21.29 25.84
CA LEU B 97 13.49 22.29 25.29
C LEU B 97 14.18 23.65 25.27
N GLU B 98 13.79 24.51 24.30
CA GLU B 98 14.35 25.87 24.15
C GLU B 98 14.08 26.72 25.38
N GLU B 99 12.88 26.56 25.98
CA GLU B 99 12.43 27.27 27.18
C GLU B 99 11.84 26.27 28.21
N PRO B 100 11.93 26.53 29.54
CA PRO B 100 11.33 25.59 30.50
C PRO B 100 9.81 25.65 30.51
N VAL B 101 9.16 24.50 30.73
CA VAL B 101 7.70 24.35 30.77
C VAL B 101 7.12 24.93 32.07
N LYS B 102 6.04 25.73 31.94
CA LYS B 102 5.31 26.30 33.09
C LYS B 102 4.48 25.16 33.70
N VAL B 103 5.06 24.50 34.72
CA VAL B 103 4.50 23.35 35.44
C VAL B 103 3.17 23.67 36.15
N SER B 104 2.16 22.81 35.95
CA SER B 104 0.83 22.92 36.56
C SER B 104 0.34 21.53 37.02
N SER B 105 -0.94 21.44 37.47
CA SER B 105 -1.55 20.19 37.92
C SER B 105 -1.81 19.24 36.74
N HIS B 106 -2.14 19.80 35.56
CA HIS B 106 -2.43 19.06 34.33
C HIS B 106 -1.15 18.63 33.58
N VAL B 107 -0.08 19.45 33.66
CA VAL B 107 1.22 19.18 33.01
C VAL B 107 2.41 19.35 33.97
N HIS B 108 2.94 18.22 34.46
CA HIS B 108 4.11 18.20 35.37
C HIS B 108 5.04 17.01 35.14
N THR B 109 6.24 17.06 35.73
CA THR B 109 7.29 16.05 35.60
C THR B 109 7.02 14.72 36.31
N VAL B 110 7.68 13.63 35.83
CA VAL B 110 7.63 12.30 36.41
C VAL B 110 8.90 12.09 37.25
N THR B 111 8.76 11.42 38.39
CA THR B 111 9.89 11.15 39.29
C THR B 111 10.69 9.96 38.75
N LEU B 112 12.02 10.13 38.66
CA LEU B 112 12.91 9.05 38.23
C LEU B 112 13.13 8.11 39.44
N PRO B 113 13.27 6.79 39.26
CA PRO B 113 13.42 5.91 40.42
C PRO B 113 14.84 5.87 40.99
N PRO B 114 15.03 5.46 42.28
CA PRO B 114 16.40 5.34 42.80
C PRO B 114 17.11 4.14 42.15
N ALA B 115 18.45 4.15 42.12
CA ALA B 115 19.28 3.10 41.52
C ALA B 115 19.00 1.68 42.02
N SER B 116 18.59 1.54 43.29
CA SER B 116 18.29 0.27 43.95
C SER B 116 17.00 -0.44 43.49
N GLU B 117 15.98 0.33 43.04
CA GLU B 117 14.70 -0.23 42.59
C GLU B 117 14.82 -1.09 41.32
N THR B 118 14.47 -2.38 41.44
CA THR B 118 14.54 -3.36 40.36
C THR B 118 13.20 -3.61 39.65
N PHE B 119 12.08 -3.17 40.27
CA PHE B 119 10.69 -3.34 39.81
C PHE B 119 10.37 -4.83 39.60
N PRO B 120 10.17 -5.61 40.70
CA PRO B 120 9.91 -7.05 40.53
C PRO B 120 8.50 -7.38 40.04
N PRO B 121 8.24 -8.63 39.54
CA PRO B 121 6.87 -8.97 39.10
C PRO B 121 5.86 -8.80 40.24
N GLY B 122 4.70 -8.23 39.90
CA GLY B 122 3.64 -7.96 40.85
C GLY B 122 3.49 -6.50 41.21
N MET B 123 4.35 -5.62 40.64
CA MET B 123 4.28 -4.18 40.87
C MET B 123 3.17 -3.60 39.99
N PRO B 124 2.37 -2.62 40.49
CA PRO B 124 1.32 -2.04 39.64
C PRO B 124 1.94 -1.05 38.64
N CYS B 125 2.10 -1.51 37.38
CA CYS B 125 2.73 -0.72 36.32
C CYS B 125 1.83 -0.42 35.13
N TRP B 126 1.99 0.79 34.56
CA TRP B 126 1.18 1.26 33.44
C TRP B 126 2.04 1.84 32.31
N VAL B 127 1.68 1.51 31.06
CA VAL B 127 2.32 2.04 29.87
C VAL B 127 1.29 2.89 29.10
N THR B 128 1.70 4.10 28.69
CA THR B 128 0.81 5.06 28.01
C THR B 128 1.34 5.52 26.66
N GLY B 129 0.42 5.94 25.79
CA GLY B 129 0.77 6.45 24.47
C GLY B 129 -0.35 6.51 23.45
N TRP B 130 -0.01 7.01 22.25
CA TRP B 130 -0.92 7.16 21.12
C TRP B 130 -0.56 6.20 19.98
N GLY B 131 0.14 5.12 20.32
CA GLY B 131 0.56 4.11 19.36
C GLY B 131 -0.52 3.19 18.87
N ASP B 132 -0.13 2.24 17.99
CA ASP B 132 -1.01 1.25 17.38
C ASP B 132 -1.77 0.41 18.40
N VAL B 133 -3.07 0.16 18.13
CA VAL B 133 -3.96 -0.60 19.01
C VAL B 133 -3.77 -2.13 18.91
N ASP B 134 -3.06 -2.57 17.87
CA ASP B 134 -2.68 -3.95 17.55
C ASP B 134 -1.68 -3.91 16.38
N ASN B 135 -1.16 -5.08 15.96
CA ASN B 135 -0.22 -5.20 14.82
C ASN B 135 -0.93 -4.73 13.55
N ASP B 136 -0.34 -3.72 12.86
CA ASP B 136 -0.87 -3.09 11.63
C ASP B 136 -2.25 -2.41 11.81
N GLU B 137 -2.59 -2.06 13.07
CA GLU B 137 -3.85 -1.42 13.42
C GLU B 137 -3.57 -0.11 14.15
N ARG B 138 -3.53 1.01 13.40
CA ARG B 138 -3.26 2.36 13.93
C ARG B 138 -4.33 2.83 14.90
N LEU B 139 -3.95 3.77 15.80
CA LEU B 139 -4.89 4.36 16.77
C LEU B 139 -5.92 5.20 16.00
N PRO B 140 -7.23 4.87 16.14
CA PRO B 140 -8.25 5.59 15.37
C PRO B 140 -8.51 7.03 15.83
N PRO B 141 -8.92 7.96 14.92
CA PRO B 141 -9.25 9.34 15.36
C PRO B 141 -10.43 9.33 16.37
N PRO B 142 -10.56 10.29 17.32
CA PRO B 142 -9.76 11.52 17.54
C PRO B 142 -8.40 11.33 18.23
N PHE B 143 -7.81 10.12 18.11
CA PHE B 143 -6.52 9.72 18.65
C PHE B 143 -6.43 9.98 20.17
N PRO B 144 -7.20 9.25 21.00
CA PRO B 144 -7.13 9.51 22.45
C PRO B 144 -5.90 8.90 23.11
N LEU B 145 -5.41 9.53 24.19
CA LEU B 145 -4.28 9.01 24.94
C LEU B 145 -4.72 7.74 25.64
N LYS B 146 -4.08 6.62 25.30
CA LYS B 146 -4.43 5.31 25.85
C LYS B 146 -3.52 4.90 27.00
N GLN B 147 -4.02 3.97 27.83
CA GLN B 147 -3.31 3.41 29.00
C GLN B 147 -3.60 1.93 29.11
N VAL B 148 -2.65 1.15 29.65
CA VAL B 148 -2.80 -0.28 29.89
C VAL B 148 -1.93 -0.77 31.06
N LYS B 149 -2.55 -1.53 31.99
CA LYS B 149 -1.85 -2.12 33.12
C LYS B 149 -1.09 -3.33 32.56
N VAL B 150 0.24 -3.34 32.73
CA VAL B 150 1.07 -4.42 32.19
C VAL B 150 1.80 -5.22 33.26
N PRO B 151 1.75 -6.58 33.20
CA PRO B 151 2.47 -7.37 34.22
C PRO B 151 3.97 -7.41 33.94
N ILE B 152 4.78 -7.09 34.96
CA ILE B 152 6.24 -7.11 34.88
C ILE B 152 6.74 -8.54 34.89
N MET B 153 7.78 -8.82 34.09
CA MET B 153 8.43 -10.11 34.00
C MET B 153 9.89 -9.95 34.35
N GLU B 154 10.47 -10.91 35.08
CA GLU B 154 11.90 -10.90 35.46
C GLU B 154 12.72 -11.10 34.19
N ASN B 155 13.83 -10.33 34.06
CA ASN B 155 14.74 -10.32 32.90
C ASN B 155 15.15 -11.68 32.35
N HIS B 156 15.56 -12.61 33.23
CA HIS B 156 15.99 -13.95 32.84
C HIS B 156 14.85 -14.80 32.28
N ILE B 157 13.61 -14.57 32.77
CA ILE B 157 12.41 -15.26 32.29
C ILE B 157 11.97 -14.68 30.95
N CYS B 158 12.02 -13.34 30.81
CA CYS B 158 11.69 -12.66 29.55
C CYS B 158 12.66 -13.06 28.45
N ASP B 159 13.95 -13.17 28.78
CA ASP B 159 15.01 -13.60 27.86
C ASP B 159 14.74 -15.03 27.38
N ALA B 160 14.40 -15.94 28.32
CA ALA B 160 14.09 -17.34 28.02
C ALA B 160 12.81 -17.47 27.18
N LYS B 161 11.80 -16.60 27.44
CA LYS B 161 10.54 -16.57 26.67
C LYS B 161 10.81 -16.22 25.20
N TYR B 162 11.77 -15.30 24.96
CA TYR B 162 12.18 -14.87 23.62
C TYR B 162 12.89 -15.98 22.83
N HIS B 163 13.45 -16.99 23.55
CA HIS B 163 14.11 -18.14 22.95
C HIS B 163 13.12 -19.22 22.52
N LEU B 164 11.89 -19.18 23.06
CA LEU B 164 10.83 -20.15 22.72
C LEU B 164 10.38 -19.94 21.28
N GLY B 165 10.50 -20.99 20.47
CA GLY B 165 10.17 -20.94 19.05
C GLY B 165 11.22 -20.21 18.23
N ALA B 166 12.46 -20.16 18.75
CA ALA B 166 13.59 -19.49 18.11
C ALA B 166 14.85 -20.37 18.04
N TYR B 167 15.67 -20.17 17.00
CA TYR B 167 16.92 -20.91 16.78
C TYR B 167 18.05 -20.39 17.67
N THR B 168 17.91 -19.15 18.19
CA THR B 168 18.89 -18.49 19.06
C THR B 168 19.22 -19.37 20.27
N GLY B 169 20.51 -19.60 20.49
CA GLY B 169 21.01 -20.42 21.59
C GLY B 169 20.54 -19.93 22.94
N ASP B 170 20.11 -20.86 23.82
CA ASP B 170 19.60 -20.56 25.17
C ASP B 170 20.60 -19.77 26.03
N ASP B 171 21.91 -19.92 25.75
CA ASP B 171 23.01 -19.24 26.42
C ASP B 171 23.33 -17.87 25.77
N VAL B 172 22.73 -17.58 24.60
CA VAL B 172 22.92 -16.32 23.87
C VAL B 172 21.83 -15.34 24.32
N ARG B 173 22.23 -14.25 24.99
CA ARG B 173 21.32 -13.24 25.53
C ARG B 173 20.59 -12.41 24.47
N ILE B 174 19.25 -12.33 24.60
CA ILE B 174 18.37 -11.53 23.75
C ILE B 174 17.95 -10.28 24.55
N VAL B 175 17.38 -10.50 25.75
CA VAL B 175 16.96 -9.44 26.66
C VAL B 175 18.13 -9.13 27.59
N ARG B 176 18.76 -7.97 27.39
CA ARG B 176 19.94 -7.52 28.14
C ARG B 176 19.58 -6.91 29.49
N ASP B 177 20.60 -6.70 30.37
CA ASP B 177 20.45 -6.15 31.71
C ASP B 177 19.98 -4.69 31.75
N ASP B 178 20.22 -3.94 30.66
CA ASP B 178 19.78 -2.55 30.51
C ASP B 178 18.33 -2.48 29.99
N MET B 179 17.69 -3.66 29.90
CA MET B 179 16.31 -3.79 29.42
C MET B 179 15.37 -4.26 30.53
N LEU B 180 14.07 -4.00 30.36
CA LEU B 180 13.02 -4.36 31.30
C LEU B 180 11.86 -4.93 30.50
N CYS B 181 11.18 -5.96 31.05
CA CYS B 181 10.06 -6.60 30.38
C CYS B 181 8.73 -6.45 31.07
N ALA B 182 7.68 -6.24 30.26
CA ALA B 182 6.30 -6.06 30.71
C ALA B 182 5.30 -6.35 29.59
N GLY B 183 4.14 -6.87 29.97
CA GLY B 183 3.04 -7.17 29.05
C GLY B 183 2.80 -8.63 28.74
N ASN B 184 1.68 -8.89 28.01
CA ASN B 184 1.24 -10.22 27.58
C ASN B 184 0.50 -10.15 26.23
N THR B 185 -0.26 -11.22 25.86
CA THR B 185 -1.02 -11.31 24.61
C THR B 185 -2.27 -10.40 24.54
N ARG B 186 -2.61 -9.71 25.64
CA ARG B 186 -3.77 -8.82 25.69
C ARG B 186 -3.40 -7.39 26.11
N ARG B 187 -2.22 -7.23 26.75
CA ARG B 187 -1.75 -5.95 27.30
C ARG B 187 -0.31 -5.68 26.85
N ASP B 188 -0.08 -4.62 26.05
CA ASP B 188 1.26 -4.28 25.54
C ASP B 188 1.34 -2.86 24.96
N SER B 189 2.58 -2.41 24.73
CA SER B 189 2.91 -1.17 24.05
C SER B 189 3.12 -1.58 22.58
N CYS B 190 3.05 -0.62 21.65
CA CYS B 190 3.20 -0.94 20.23
C CYS B 190 3.87 0.22 19.48
N GLN B 191 4.02 0.07 18.14
CA GLN B 191 4.61 1.11 17.29
C GLN B 191 3.84 2.41 17.44
N GLY B 192 4.56 3.47 17.81
CA GLY B 192 4.00 4.78 18.08
C GLY B 192 4.07 5.14 19.55
N ASP B 193 4.13 4.13 20.44
CA ASP B 193 4.26 4.31 21.89
C ASP B 193 5.72 4.45 22.28
N SER B 194 6.65 4.05 21.36
CA SER B 194 8.10 4.11 21.52
C SER B 194 8.56 5.45 22.07
N GLY B 195 9.45 5.40 23.06
CA GLY B 195 9.96 6.59 23.73
C GLY B 195 9.11 7.02 24.90
N GLY B 196 7.88 6.50 24.95
CA GLY B 196 6.91 6.78 26.01
C GLY B 196 7.27 6.16 27.34
N PRO B 197 6.57 6.56 28.42
CA PRO B 197 6.93 6.04 29.75
C PRO B 197 6.18 4.82 30.24
N LEU B 198 6.90 4.01 31.03
CA LEU B 198 6.37 2.86 31.75
C LEU B 198 6.53 3.26 33.21
N VAL B 199 5.40 3.56 33.86
CA VAL B 199 5.38 4.03 35.24
C VAL B 199 4.84 2.99 36.22
N CYS B 200 5.48 2.88 37.40
CA CYS B 200 5.08 1.96 38.46
C CYS B 200 4.86 2.73 39.76
N LYS B 201 3.73 2.46 40.44
CA LYS B 201 3.42 3.13 41.71
C LYS B 201 4.19 2.41 42.83
N VAL B 202 5.21 3.10 43.39
CA VAL B 202 6.06 2.58 44.47
C VAL B 202 5.99 3.58 45.64
N ASN B 203 5.51 3.10 46.82
CA ASN B 203 5.33 3.89 48.06
C ASN B 203 4.46 5.13 47.83
N GLY B 204 3.37 4.95 47.07
CA GLY B 204 2.42 6.00 46.71
C GLY B 204 2.98 7.05 45.77
N THR B 205 4.09 6.75 45.09
CA THR B 205 4.76 7.66 44.15
C THR B 205 4.98 6.97 42.80
N TRP B 206 4.59 7.64 41.70
CA TRP B 206 4.75 7.14 40.35
C TRP B 206 6.21 7.30 39.94
N LEU B 207 6.88 6.18 39.63
CA LEU B 207 8.28 6.18 39.19
C LEU B 207 8.38 5.61 37.79
N GLN B 208 9.14 6.26 36.91
CA GLN B 208 9.31 5.77 35.54
C GLN B 208 10.31 4.61 35.52
N ALA B 209 9.78 3.38 35.44
CA ALA B 209 10.57 2.16 35.39
C ALA B 209 11.26 1.95 34.04
N GLY B 210 10.56 2.27 32.96
CA GLY B 210 11.09 2.06 31.61
C GLY B 210 10.69 3.05 30.54
N VAL B 211 11.35 2.92 29.38
CA VAL B 211 11.13 3.71 28.17
C VAL B 211 10.76 2.68 27.10
N VAL B 212 9.59 2.85 26.42
CA VAL B 212 9.14 1.94 25.37
C VAL B 212 10.24 1.84 24.31
N SER B 213 10.79 0.63 24.14
CA SER B 213 11.91 0.40 23.23
C SER B 213 11.57 -0.48 22.03
N TRP B 214 11.33 -1.80 22.26
CA TRP B 214 11.06 -2.74 21.17
C TRP B 214 10.30 -3.99 21.63
N GLY B 215 10.23 -4.95 20.73
CA GLY B 215 9.59 -6.24 20.93
C GLY B 215 9.31 -6.91 19.60
N GLU B 216 9.13 -8.24 19.60
CA GLU B 216 8.80 -8.98 18.38
C GLU B 216 7.29 -8.84 18.20
N GLY B 217 6.90 -7.80 17.49
CA GLY B 217 5.50 -7.46 17.27
C GLY B 217 4.86 -6.89 18.53
N CYS B 218 3.52 -6.91 18.57
CA CYS B 218 2.76 -6.39 19.69
C CYS B 218 1.77 -7.45 20.17
N ALA B 219 1.79 -7.74 21.49
CA ALA B 219 0.96 -8.72 22.19
C ALA B 219 1.00 -10.12 21.52
N GLN B 220 2.21 -10.55 21.12
CA GLN B 220 2.46 -11.84 20.47
C GLN B 220 2.84 -12.89 21.52
N PRO B 221 2.45 -14.18 21.35
CA PRO B 221 2.80 -15.20 22.36
C PRO B 221 4.30 -15.33 22.62
N ASN B 222 4.68 -15.38 23.91
CA ASN B 222 6.06 -15.49 24.40
C ASN B 222 6.98 -14.34 23.97
N ARG B 223 6.39 -13.18 23.61
CA ARG B 223 7.13 -12.00 23.18
C ARG B 223 6.64 -10.73 23.92
N PRO B 224 6.87 -10.61 25.26
CA PRO B 224 6.42 -9.38 25.96
C PRO B 224 7.18 -8.13 25.52
N GLY B 225 6.61 -6.96 25.81
CA GLY B 225 7.18 -5.67 25.48
C GLY B 225 8.50 -5.42 26.17
N ILE B 226 9.50 -4.94 25.42
CA ILE B 226 10.82 -4.64 25.96
C ILE B 226 11.01 -3.14 26.10
N TYR B 227 11.44 -2.73 27.30
CA TYR B 227 11.62 -1.35 27.71
C TYR B 227 13.06 -1.09 28.11
N THR B 228 13.57 0.14 27.92
CA THR B 228 14.91 0.52 28.36
C THR B 228 14.81 0.73 29.88
N ARG B 229 15.65 0.03 30.65
CA ARG B 229 15.66 0.14 32.12
C ARG B 229 16.25 1.49 32.53
N VAL B 230 15.39 2.38 33.07
CA VAL B 230 15.75 3.74 33.48
C VAL B 230 16.91 3.78 34.50
N THR B 231 16.87 2.90 35.54
CA THR B 231 17.88 2.80 36.61
C THR B 231 19.30 2.58 36.08
N TYR B 232 19.45 1.82 34.99
CA TYR B 232 20.73 1.53 34.34
C TYR B 232 21.40 2.79 33.81
N TYR B 233 20.60 3.74 33.28
CA TYR B 233 21.09 4.97 32.67
C TYR B 233 20.93 6.24 33.52
N LEU B 234 20.70 6.05 34.83
CA LEU B 234 20.53 7.11 35.83
C LEU B 234 21.75 8.04 35.90
N ASP B 235 22.98 7.47 35.87
CA ASP B 235 24.24 8.21 35.89
C ASP B 235 24.40 9.06 34.62
N TRP B 236 24.00 8.50 33.46
CA TRP B 236 24.05 9.18 32.16
C TRP B 236 23.03 10.33 32.09
N ILE B 237 21.80 10.12 32.62
CA ILE B 237 20.74 11.14 32.66
C ILE B 237 21.18 12.33 33.53
N HIS B 238 21.77 12.06 34.71
CA HIS B 238 22.24 13.07 35.65
C HIS B 238 23.45 13.89 35.15
N HIS B 239 24.12 13.44 34.08
CA HIS B 239 25.24 14.14 33.46
C HIS B 239 24.75 15.36 32.68
N TYR B 240 23.46 15.35 32.26
CA TYR B 240 22.83 16.42 31.49
C TYR B 240 21.65 17.08 32.24
N VAL B 241 20.80 16.27 32.88
CA VAL B 241 19.61 16.71 33.60
C VAL B 241 19.96 17.08 35.07
N PRO B 242 19.62 18.31 35.53
CA PRO B 242 19.93 18.68 36.93
C PRO B 242 19.10 17.90 37.96
N ILE C 1 -11.08 19.11 -0.30
CA ILE C 1 -11.13 20.46 -0.85
C ILE C 1 -9.74 20.89 -1.31
N VAL C 2 -9.61 21.22 -2.61
CA VAL C 2 -8.35 21.68 -3.21
C VAL C 2 -8.36 23.21 -3.17
N GLY C 3 -7.32 23.78 -2.55
CA GLY C 3 -7.19 25.22 -2.38
C GLY C 3 -8.04 25.72 -1.22
N GLY C 4 -8.13 27.04 -1.09
CA GLY C 4 -8.90 27.68 -0.03
C GLY C 4 -8.28 27.49 1.35
N GLN C 5 -9.11 27.58 2.40
CA GLN C 5 -8.65 27.45 3.78
C GLN C 5 -9.71 26.87 4.74
N GLU C 6 -9.36 26.74 6.04
CA GLU C 6 -10.24 26.28 7.12
C GLU C 6 -11.44 27.23 7.22
N ALA C 7 -12.65 26.67 7.23
CA ALA C 7 -13.89 27.43 7.31
C ALA C 7 -14.11 28.01 8.71
N PRO C 8 -14.57 29.28 8.84
CA PRO C 8 -14.86 29.83 10.18
C PRO C 8 -16.05 29.08 10.81
N ARG C 9 -16.05 28.93 12.15
CA ARG C 9 -17.05 28.21 12.93
C ARG C 9 -18.51 28.56 12.63
N SER C 10 -18.79 29.85 12.40
CA SER C 10 -20.12 30.38 12.10
C SER C 10 -20.64 30.04 10.68
N LYS C 11 -19.74 29.65 9.76
CA LYS C 11 -20.09 29.34 8.37
C LYS C 11 -20.46 27.88 8.10
N TRP C 12 -21.36 27.68 7.10
CA TRP C 12 -21.88 26.40 6.60
C TRP C 12 -22.55 25.51 7.69
N PRO C 13 -23.69 25.95 8.26
CA PRO C 13 -24.36 25.15 9.31
C PRO C 13 -25.04 23.86 8.85
N TRP C 14 -25.26 23.74 7.53
CA TRP C 14 -25.91 22.61 6.87
C TRP C 14 -25.01 21.42 6.59
N GLN C 15 -23.67 21.65 6.55
CA GLN C 15 -22.66 20.64 6.26
C GLN C 15 -22.69 19.47 7.24
N VAL C 16 -22.82 18.24 6.71
CA VAL C 16 -22.82 17.00 7.51
C VAL C 16 -21.74 16.01 7.05
N SER C 17 -21.38 15.06 7.91
CA SER C 17 -20.41 14.02 7.64
C SER C 17 -21.10 12.67 7.71
N LEU C 18 -20.95 11.84 6.67
CA LEU C 18 -21.53 10.51 6.64
C LEU C 18 -20.49 9.51 7.14
N ARG C 19 -20.88 8.66 8.10
CA ARG C 19 -19.97 7.71 8.73
C ARG C 19 -20.34 6.25 8.51
N VAL C 20 -19.30 5.42 8.26
CA VAL C 20 -19.43 3.98 8.07
C VAL C 20 -18.73 3.21 9.21
N HIS C 21 -19.32 2.08 9.67
CA HIS C 21 -18.76 1.27 10.74
C HIS C 21 -17.62 0.38 10.26
N GLY C 22 -16.47 0.51 10.90
CA GLY C 22 -15.26 -0.25 10.66
C GLY C 22 -14.44 -0.31 11.93
N PRO C 23 -13.12 0.01 11.89
CA PRO C 23 -12.35 0.05 13.15
C PRO C 23 -12.80 1.22 14.04
N TYR C 24 -13.43 2.22 13.39
CA TYR C 24 -14.04 3.43 13.97
C TYR C 24 -15.10 3.95 12.99
N TRP C 25 -15.96 4.90 13.43
CA TRP C 25 -16.98 5.49 12.57
C TRP C 25 -16.30 6.49 11.63
N MET C 26 -15.80 5.97 10.50
CA MET C 26 -15.03 6.74 9.52
C MET C 26 -15.83 7.50 8.47
N HIS C 27 -15.39 8.73 8.17
CA HIS C 27 -15.96 9.61 7.16
C HIS C 27 -15.67 9.03 5.78
N PHE C 28 -16.71 8.86 4.97
CA PHE C 28 -16.58 8.35 3.61
C PHE C 28 -17.14 9.35 2.60
N CYS C 29 -18.10 10.19 3.04
CA CYS C 29 -18.77 11.19 2.22
C CYS C 29 -19.32 12.35 3.03
N GLY C 30 -19.51 13.47 2.35
CA GLY C 30 -20.11 14.66 2.90
C GLY C 30 -21.61 14.68 2.59
N GLY C 31 -22.27 15.75 3.00
CA GLY C 31 -23.70 15.93 2.80
C GLY C 31 -24.21 17.26 3.28
N SER C 32 -25.52 17.49 3.11
CA SER C 32 -26.16 18.73 3.55
C SER C 32 -27.52 18.47 4.19
N LEU C 33 -27.81 19.20 5.27
CA LEU C 33 -29.08 19.11 5.98
C LEU C 33 -30.05 20.04 5.22
N ILE C 34 -31.09 19.45 4.62
CA ILE C 34 -32.09 20.19 3.82
C ILE C 34 -33.44 20.32 4.53
N HIS C 35 -33.68 19.45 5.51
CA HIS C 35 -34.86 19.37 6.35
C HIS C 35 -34.37 18.84 7.72
N PRO C 36 -34.94 19.28 8.88
CA PRO C 36 -34.45 18.76 10.18
C PRO C 36 -34.34 17.24 10.32
N GLN C 37 -35.04 16.48 9.46
CA GLN C 37 -35.01 15.01 9.47
C GLN C 37 -34.50 14.41 8.14
N TRP C 38 -33.97 15.25 7.23
CA TRP C 38 -33.48 14.79 5.93
C TRP C 38 -32.11 15.33 5.54
N VAL C 39 -31.26 14.45 5.00
CA VAL C 39 -29.91 14.77 4.55
C VAL C 39 -29.81 14.51 3.05
N LEU C 40 -29.28 15.49 2.30
CA LEU C 40 -29.06 15.37 0.86
C LEU C 40 -27.60 14.99 0.62
N THR C 41 -27.38 13.94 -0.18
CA THR C 41 -26.04 13.44 -0.51
C THR C 41 -26.01 12.91 -1.95
N ALA C 42 -24.85 12.41 -2.39
CA ALA C 42 -24.67 11.81 -3.71
C ALA C 42 -24.99 10.32 -3.59
N ALA C 43 -25.65 9.77 -4.61
CA ALA C 43 -26.02 8.35 -4.64
C ALA C 43 -24.83 7.39 -4.64
N HIS C 44 -23.66 7.79 -5.19
CA HIS C 44 -22.47 6.94 -5.23
C HIS C 44 -21.86 6.69 -3.84
N CYS C 45 -22.19 7.56 -2.87
CA CYS C 45 -21.76 7.46 -1.48
C CYS C 45 -22.45 6.29 -0.79
N VAL C 46 -23.76 6.13 -1.04
CA VAL C 46 -24.59 5.08 -0.43
C VAL C 46 -25.19 4.08 -1.43
N GLY C 47 -24.59 3.97 -2.61
CA GLY C 47 -25.07 3.05 -3.64
C GLY C 47 -24.09 2.80 -4.78
N PRO C 48 -24.54 2.10 -5.86
CA PRO C 48 -25.89 1.57 -6.11
C PRO C 48 -26.25 0.35 -5.26
N ASP C 49 -25.22 -0.34 -4.71
CA ASP C 49 -25.39 -1.53 -3.87
C ASP C 49 -26.13 -1.19 -2.58
N VAL C 50 -27.10 -2.05 -2.19
CA VAL C 50 -27.92 -1.87 -0.99
C VAL C 50 -27.05 -1.94 0.26
N LYS C 51 -27.10 -0.88 1.07
CA LYS C 51 -26.31 -0.73 2.30
C LYS C 51 -27.08 -1.15 3.56
N ASP C 52 -26.32 -1.51 4.61
CA ASP C 52 -26.86 -1.89 5.92
C ASP C 52 -26.98 -0.59 6.72
N LEU C 53 -28.21 -0.21 7.08
CA LEU C 53 -28.54 1.01 7.83
C LEU C 53 -27.90 1.10 9.21
N ALA C 54 -27.68 -0.04 9.88
CA ALA C 54 -27.05 -0.12 11.20
C ALA C 54 -25.57 0.27 11.15
N ALA C 55 -24.91 0.07 9.99
CA ALA C 55 -23.51 0.39 9.74
C ALA C 55 -23.30 1.84 9.23
N LEU C 56 -24.37 2.67 9.27
CA LEU C 56 -24.32 4.06 8.81
C LEU C 56 -24.79 5.07 9.88
N ARG C 57 -24.04 6.17 10.03
CA ARG C 57 -24.35 7.27 10.96
C ARG C 57 -24.12 8.62 10.30
N VAL C 58 -24.85 9.65 10.78
CA VAL C 58 -24.73 11.02 10.30
C VAL C 58 -24.19 11.90 11.43
N GLN C 59 -23.19 12.73 11.10
CA GLN C 59 -22.58 13.66 12.02
C GLN C 59 -22.88 15.07 11.51
N LEU C 60 -23.52 15.91 12.36
CA LEU C 60 -23.85 17.30 12.01
C LEU C 60 -22.59 18.16 11.96
N ARG C 61 -22.74 19.47 11.63
CA ARG C 61 -21.61 20.42 11.52
C ARG C 61 -20.59 20.27 12.64
N GLU C 62 -19.34 20.04 12.25
CA GLU C 62 -18.21 19.80 13.13
C GLU C 62 -17.01 20.56 12.60
N GLN C 63 -16.40 21.43 13.43
CA GLN C 63 -15.24 22.21 13.04
C GLN C 63 -14.04 21.31 12.73
N HIS C 64 -13.84 20.28 13.55
CA HIS C 64 -12.77 19.30 13.39
C HIS C 64 -13.36 17.90 13.41
N LEU C 65 -13.21 17.16 12.30
CA LEU C 65 -13.73 15.79 12.15
C LEU C 65 -13.27 14.90 13.29
N TYR C 66 -14.18 14.05 13.80
CA TYR C 66 -13.95 13.07 14.87
C TYR C 66 -13.83 13.63 16.31
N TYR C 67 -13.69 14.96 16.49
CA TYR C 67 -13.55 15.55 17.83
C TYR C 67 -14.80 15.45 18.72
N GLN C 68 -15.87 16.19 18.42
CA GLN C 68 -17.11 16.16 19.21
C GLN C 68 -18.18 15.33 18.49
N ASP C 69 -17.94 14.02 18.34
CA ASP C 69 -18.84 13.10 17.66
C ASP C 69 -20.15 12.85 18.41
N GLN C 70 -21.26 13.16 17.73
CA GLN C 70 -22.64 12.97 18.21
C GLN C 70 -23.37 12.26 17.05
N LEU C 71 -22.99 10.99 16.82
CA LEU C 71 -23.47 10.13 15.74
C LEU C 71 -24.99 9.91 15.78
N LEU C 72 -25.66 10.23 14.65
CA LEU C 72 -27.10 10.10 14.52
C LEU C 72 -27.51 8.93 13.63
N PRO C 73 -28.45 8.07 14.10
CA PRO C 73 -28.87 6.93 13.26
C PRO C 73 -29.79 7.33 12.09
N VAL C 74 -29.87 6.48 11.08
CA VAL C 74 -30.70 6.68 9.89
C VAL C 74 -31.84 5.65 9.83
N SER C 75 -33.05 6.11 9.50
CA SER C 75 -34.24 5.26 9.38
C SER C 75 -34.47 4.83 7.94
N ARG C 76 -34.01 5.64 6.96
CA ARG C 76 -34.18 5.35 5.54
C ARG C 76 -33.06 5.89 4.66
N ILE C 77 -32.77 5.15 3.57
CA ILE C 77 -31.81 5.51 2.53
C ILE C 77 -32.62 5.51 1.23
N ILE C 78 -32.74 6.67 0.57
CA ILE C 78 -33.47 6.76 -0.69
C ILE C 78 -32.50 7.19 -1.80
N VAL C 79 -32.08 6.22 -2.61
CA VAL C 79 -31.17 6.42 -3.72
C VAL C 79 -32.01 6.52 -5.00
N HIS C 80 -31.74 7.54 -5.84
CA HIS C 80 -32.46 7.75 -7.09
C HIS C 80 -32.47 6.48 -7.96
N PRO C 81 -33.66 6.02 -8.43
CA PRO C 81 -33.72 4.76 -9.20
C PRO C 81 -32.94 4.74 -10.51
N GLN C 82 -32.69 5.91 -11.11
CA GLN C 82 -31.93 6.05 -12.36
C GLN C 82 -30.42 5.99 -12.10
N PHE C 83 -29.98 5.89 -10.84
CA PHE C 83 -28.57 5.85 -10.50
C PHE C 83 -27.90 4.49 -10.62
N TYR C 84 -26.71 4.48 -11.25
CA TYR C 84 -25.82 3.34 -11.33
C TYR C 84 -24.37 3.80 -11.15
N THR C 85 -23.93 4.81 -11.94
CA THR C 85 -22.61 5.44 -11.84
C THR C 85 -22.76 6.96 -11.95
N ALA C 86 -21.81 7.72 -11.39
CA ALA C 86 -21.81 9.18 -11.40
C ALA C 86 -21.72 9.77 -12.83
N GLN C 87 -21.05 9.05 -13.75
CA GLN C 87 -20.89 9.47 -15.15
C GLN C 87 -22.18 9.35 -15.96
N ILE C 88 -23.03 8.35 -15.65
CA ILE C 88 -24.33 8.16 -16.30
C ILE C 88 -25.27 9.28 -15.81
N GLY C 89 -25.20 9.57 -14.52
CA GLY C 89 -25.99 10.62 -13.90
C GLY C 89 -26.85 10.16 -12.75
N ALA C 90 -27.83 11.00 -12.36
CA ALA C 90 -28.76 10.80 -11.24
C ALA C 90 -28.04 10.50 -9.92
N ASP C 91 -26.84 11.10 -9.74
CA ASP C 91 -26.01 10.93 -8.55
C ASP C 91 -26.57 11.78 -7.42
N ILE C 92 -27.70 11.34 -6.87
CA ILE C 92 -28.43 12.02 -5.80
C ILE C 92 -29.08 11.00 -4.88
N ALA C 93 -29.01 11.25 -3.56
CA ALA C 93 -29.58 10.37 -2.55
C ALA C 93 -30.08 11.13 -1.33
N LEU C 94 -31.08 10.58 -0.65
CA LEU C 94 -31.67 11.15 0.55
C LEU C 94 -31.49 10.21 1.73
N LEU C 95 -31.20 10.77 2.90
CA LEU C 95 -31.06 10.00 4.13
C LEU C 95 -32.04 10.55 5.16
N GLU C 96 -32.98 9.69 5.60
CA GLU C 96 -33.96 10.08 6.61
C GLU C 96 -33.38 9.73 7.98
N LEU C 97 -33.23 10.73 8.85
CA LEU C 97 -32.74 10.56 10.20
C LEU C 97 -33.84 9.92 11.04
N GLU C 98 -33.47 9.15 12.09
CA GLU C 98 -34.43 8.49 12.98
C GLU C 98 -35.29 9.50 13.73
N GLU C 99 -34.67 10.63 14.13
CA GLU C 99 -35.33 11.72 14.86
C GLU C 99 -34.98 13.08 14.23
N PRO C 100 -35.92 14.07 14.21
CA PRO C 100 -35.56 15.38 13.64
C PRO C 100 -34.58 16.13 14.55
N VAL C 101 -33.58 16.80 13.96
CA VAL C 101 -32.57 17.54 14.74
C VAL C 101 -33.12 18.88 15.25
N LYS C 102 -32.63 19.32 16.43
CA LYS C 102 -33.05 20.59 17.01
C LYS C 102 -32.27 21.71 16.30
N VAL C 103 -32.98 22.44 15.42
CA VAL C 103 -32.44 23.54 14.60
C VAL C 103 -31.98 24.70 15.48
N SER C 104 -30.72 25.11 15.30
CA SER C 104 -30.08 26.20 16.04
C SER C 104 -29.32 27.15 15.09
N SER C 105 -28.68 28.20 15.65
CA SER C 105 -27.91 29.20 14.89
C SER C 105 -26.63 28.58 14.29
N HIS C 106 -26.02 27.62 15.02
CA HIS C 106 -24.80 26.93 14.60
C HIS C 106 -25.06 25.78 13.62
N VAL C 107 -26.20 25.08 13.78
CA VAL C 107 -26.61 23.95 12.92
C VAL C 107 -28.05 24.13 12.43
N HIS C 108 -28.20 24.46 11.12
CA HIS C 108 -29.50 24.63 10.46
C HIS C 108 -29.50 24.25 8.98
N THR C 109 -30.69 24.11 8.38
CA THR C 109 -30.89 23.68 7.00
C THR C 109 -30.42 24.67 5.92
N VAL C 110 -30.14 24.14 4.72
CA VAL C 110 -29.76 24.92 3.53
C VAL C 110 -31.02 25.08 2.66
N THR C 111 -31.19 26.26 2.05
CA THR C 111 -32.34 26.52 1.19
C THR C 111 -32.09 25.91 -0.19
N LEU C 112 -33.08 25.18 -0.72
CA LEU C 112 -32.99 24.59 -2.06
C LEU C 112 -33.43 25.66 -3.08
N PRO C 113 -32.83 25.71 -4.31
CA PRO C 113 -33.20 26.78 -5.24
C PRO C 113 -34.55 26.56 -5.96
N PRO C 114 -35.19 27.59 -6.58
CA PRO C 114 -36.45 27.32 -7.30
C PRO C 114 -36.23 26.49 -8.57
N ALA C 115 -37.31 25.90 -9.13
CA ALA C 115 -37.29 25.04 -10.32
C ALA C 115 -36.60 25.62 -11.56
N SER C 116 -36.71 26.94 -11.77
CA SER C 116 -36.14 27.63 -12.94
C SER C 116 -34.72 28.20 -12.75
N GLU C 117 -34.21 28.19 -11.50
CA GLU C 117 -32.89 28.73 -11.13
C GLU C 117 -31.73 28.30 -12.01
N THR C 118 -31.03 29.30 -12.55
CA THR C 118 -29.85 29.14 -13.41
C THR C 118 -28.66 29.78 -12.72
N PHE C 119 -27.48 29.16 -12.85
CA PHE C 119 -26.25 29.66 -12.25
C PHE C 119 -25.29 30.15 -13.36
N PRO C 120 -25.18 31.48 -13.54
CA PRO C 120 -24.38 32.04 -14.66
C PRO C 120 -22.89 31.71 -14.67
N PRO C 121 -22.22 31.73 -15.86
CA PRO C 121 -20.78 31.42 -15.89
C PRO C 121 -19.91 32.50 -15.24
N GLY C 122 -18.91 32.08 -14.49
CA GLY C 122 -17.99 32.96 -13.78
C GLY C 122 -18.47 33.39 -12.41
N MET C 123 -19.75 33.07 -12.07
CA MET C 123 -20.40 33.39 -10.79
C MET C 123 -19.65 32.73 -9.62
N PRO C 124 -19.33 33.48 -8.54
CA PRO C 124 -18.61 32.87 -7.42
C PRO C 124 -19.55 32.07 -6.51
N CYS C 125 -19.21 30.78 -6.33
CA CYS C 125 -19.95 29.83 -5.49
C CYS C 125 -18.97 29.14 -4.53
N TRP C 126 -19.49 28.48 -3.48
CA TRP C 126 -18.65 27.82 -2.48
C TRP C 126 -18.94 26.33 -2.32
N VAL C 127 -17.87 25.54 -2.22
CA VAL C 127 -17.92 24.09 -1.99
C VAL C 127 -17.15 23.77 -0.69
N THR C 128 -17.77 22.95 0.19
CA THR C 128 -17.21 22.61 1.48
C THR C 128 -17.13 21.11 1.74
N GLY C 129 -16.19 20.71 2.61
CA GLY C 129 -16.00 19.32 2.98
C GLY C 129 -14.71 18.98 3.67
N TRP C 130 -14.59 17.72 4.10
CA TRP C 130 -13.40 17.19 4.78
C TRP C 130 -12.60 16.24 3.87
N GLY C 131 -12.76 16.41 2.56
CA GLY C 131 -12.09 15.60 1.56
C GLY C 131 -10.62 15.91 1.38
N ASP C 132 -9.98 15.22 0.42
CA ASP C 132 -8.56 15.34 0.09
C ASP C 132 -8.17 16.74 -0.35
N VAL C 133 -6.96 17.19 0.04
CA VAL C 133 -6.43 18.52 -0.28
C VAL C 133 -5.86 18.62 -1.70
N ASP C 134 -5.53 17.47 -2.31
CA ASP C 134 -5.00 17.32 -3.68
C ASP C 134 -5.15 15.85 -4.09
N ASN C 135 -4.71 15.50 -5.33
CA ASN C 135 -4.76 14.13 -5.85
C ASN C 135 -3.80 13.26 -5.03
N ASP C 136 -4.34 12.22 -4.35
CA ASP C 136 -3.63 11.30 -3.46
C ASP C 136 -2.98 11.98 -2.23
N GLU C 137 -3.56 13.12 -1.79
CA GLU C 137 -3.13 13.89 -0.63
C GLU C 137 -4.31 14.11 0.32
N ARG C 138 -4.40 13.24 1.35
CA ARG C 138 -5.47 13.26 2.36
C ARG C 138 -5.46 14.52 3.21
N LEU C 139 -6.63 14.91 3.76
CA LEU C 139 -6.76 16.07 4.65
C LEU C 139 -6.04 15.74 5.96
N PRO C 140 -5.00 16.52 6.33
CA PRO C 140 -4.25 16.20 7.56
C PRO C 140 -5.01 16.45 8.86
N PRO C 141 -4.68 15.74 9.97
CA PRO C 141 -5.35 16.03 11.26
C PRO C 141 -5.01 17.44 11.76
N PRO C 142 -5.85 18.11 12.59
CA PRO C 142 -7.12 17.68 13.21
C PRO C 142 -8.36 17.69 12.31
N PHE C 143 -8.15 17.53 10.99
CA PHE C 143 -9.18 17.46 9.94
C PHE C 143 -10.17 18.64 10.00
N PRO C 144 -9.73 19.88 9.71
CA PRO C 144 -10.67 21.01 9.77
C PRO C 144 -11.62 21.03 8.58
N LEU C 145 -12.84 21.58 8.78
CA LEU C 145 -13.80 21.73 7.69
C LEU C 145 -13.24 22.80 6.75
N LYS C 146 -12.99 22.40 5.49
CA LYS C 146 -12.42 23.29 4.50
C LYS C 146 -13.47 23.90 3.58
N GLN C 147 -13.16 25.09 3.04
CA GLN C 147 -14.00 25.84 2.12
C GLN C 147 -13.16 26.38 0.97
N VAL C 148 -13.78 26.53 -0.21
CA VAL C 148 -13.13 27.08 -1.39
C VAL C 148 -14.13 27.77 -2.32
N LYS C 149 -13.74 28.95 -2.84
CA LYS C 149 -14.54 29.72 -3.79
C LYS C 149 -14.27 29.15 -5.17
N VAL C 150 -15.33 28.65 -5.84
CA VAL C 150 -15.21 28.04 -7.15
C VAL C 150 -16.04 28.76 -8.24
N PRO C 151 -15.42 29.11 -9.40
CA PRO C 151 -16.22 29.76 -10.45
C PRO C 151 -17.03 28.75 -11.26
N ILE C 152 -18.29 29.10 -11.56
CA ILE C 152 -19.20 28.26 -12.34
C ILE C 152 -18.78 28.27 -13.81
N MET C 153 -18.72 27.08 -14.41
CA MET C 153 -18.43 26.93 -15.83
C MET C 153 -19.70 26.41 -16.48
N GLU C 154 -20.20 27.13 -17.50
CA GLU C 154 -21.41 26.78 -18.24
C GLU C 154 -21.28 25.37 -18.86
N ASN C 155 -22.36 24.57 -18.79
CA ASN C 155 -22.42 23.18 -19.24
C ASN C 155 -21.81 22.87 -20.61
N HIS C 156 -22.10 23.69 -21.64
CA HIS C 156 -21.55 23.50 -22.99
C HIS C 156 -20.05 23.79 -23.03
N ILE C 157 -19.59 24.81 -22.29
CA ILE C 157 -18.18 25.20 -22.19
C ILE C 157 -17.41 24.11 -21.45
N CYS C 158 -17.97 23.62 -20.33
CA CYS C 158 -17.39 22.56 -19.50
C CYS C 158 -17.30 21.23 -20.25
N ASP C 159 -18.33 20.90 -21.05
CA ASP C 159 -18.37 19.67 -21.85
C ASP C 159 -17.25 19.68 -22.90
N ALA C 160 -17.01 20.85 -23.53
CA ALA C 160 -15.96 21.05 -24.53
C ALA C 160 -14.57 20.86 -23.91
N LYS C 161 -14.39 21.32 -22.64
CA LYS C 161 -13.15 21.18 -21.88
C LYS C 161 -12.84 19.70 -21.61
N TYR C 162 -13.89 18.89 -21.33
CA TYR C 162 -13.76 17.45 -21.10
C TYR C 162 -13.43 16.66 -22.37
N HIS C 163 -13.73 17.26 -23.54
CA HIS C 163 -13.44 16.68 -24.85
C HIS C 163 -12.01 16.99 -25.29
N LEU C 164 -11.36 18.02 -24.70
CA LEU C 164 -9.99 18.42 -25.00
C LEU C 164 -9.03 17.34 -24.50
N GLY C 165 -8.30 16.73 -25.41
CA GLY C 165 -7.37 15.65 -25.12
C GLY C 165 -8.08 14.33 -24.87
N ALA C 166 -9.27 14.15 -25.47
CA ALA C 166 -10.08 12.94 -25.35
C ALA C 166 -10.55 12.45 -26.74
N TYR C 167 -10.66 11.12 -26.89
CA TYR C 167 -11.11 10.48 -28.13
C TYR C 167 -12.61 10.60 -28.34
N THR C 168 -13.38 10.81 -27.24
CA THR C 168 -14.83 10.95 -27.23
C THR C 168 -15.28 12.02 -28.23
N GLY C 169 -16.23 11.67 -29.08
CA GLY C 169 -16.79 12.55 -30.11
C GLY C 169 -17.40 13.80 -29.53
N ASP C 170 -17.19 14.95 -30.21
CA ASP C 170 -17.69 16.27 -29.83
C ASP C 170 -19.22 16.32 -29.65
N ASP C 171 -19.93 15.47 -30.40
CA ASP C 171 -21.39 15.33 -30.38
C ASP C 171 -21.88 14.45 -29.22
N VAL C 172 -20.95 13.71 -28.56
CA VAL C 172 -21.26 12.82 -27.43
C VAL C 172 -21.04 13.58 -26.12
N ARG C 173 -22.13 13.88 -25.41
CA ARG C 173 -22.10 14.64 -24.15
C ARG C 173 -21.49 13.89 -22.97
N ILE C 174 -20.46 14.49 -22.35
CA ILE C 174 -19.76 13.98 -21.16
C ILE C 174 -20.43 14.62 -19.95
N VAL C 175 -20.53 15.97 -19.96
CA VAL C 175 -21.19 16.75 -18.92
C VAL C 175 -22.67 16.76 -19.32
N ARG C 176 -23.50 16.03 -18.57
CA ARG C 176 -24.92 15.87 -18.86
C ARG C 176 -25.80 17.01 -18.32
N ASP C 177 -27.09 17.04 -18.76
CA ASP C 177 -28.08 18.06 -18.38
C ASP C 177 -28.36 18.11 -16.88
N ASP C 178 -28.31 16.95 -16.21
CA ASP C 178 -28.53 16.82 -14.78
C ASP C 178 -27.24 17.10 -13.98
N MET C 179 -26.21 17.62 -14.67
CA MET C 179 -24.91 17.94 -14.09
C MET C 179 -24.60 19.44 -14.17
N LEU C 180 -23.67 19.90 -13.31
CA LEU C 180 -23.25 21.28 -13.20
C LEU C 180 -21.73 21.33 -12.97
N CYS C 181 -21.05 22.33 -13.56
CA CYS C 181 -19.60 22.49 -13.43
C CYS C 181 -19.16 23.67 -12.59
N ALA C 182 -18.04 23.50 -11.87
CA ALA C 182 -17.42 24.50 -11.00
C ALA C 182 -15.96 24.15 -10.69
N GLY C 183 -15.12 25.18 -10.62
CA GLY C 183 -13.72 25.02 -10.26
C GLY C 183 -12.71 25.15 -11.39
N ASN C 184 -11.42 25.21 -11.02
CA ASN C 184 -10.28 25.32 -11.92
C ASN C 184 -9.08 24.49 -11.41
N THR C 185 -7.85 24.77 -11.91
CA THR C 185 -6.62 24.05 -11.52
C THR C 185 -6.11 24.36 -10.11
N ARG C 186 -6.66 25.41 -9.47
CA ARG C 186 -6.25 25.82 -8.12
C ARG C 186 -7.38 25.72 -7.09
N ARG C 187 -8.65 25.71 -7.55
CA ARG C 187 -9.83 25.63 -6.69
C ARG C 187 -10.76 24.51 -7.19
N ASP C 188 -11.06 23.53 -6.32
CA ASP C 188 -11.90 22.37 -6.66
C ASP C 188 -12.24 21.51 -5.43
N SER C 189 -13.26 20.65 -5.57
CA SER C 189 -13.66 19.66 -4.59
C SER C 189 -12.85 18.39 -4.93
N CYS C 190 -12.76 17.42 -4.01
CA CYS C 190 -11.99 16.19 -4.24
C CYS C 190 -12.61 14.96 -3.56
N GLN C 191 -11.92 13.79 -3.62
CA GLN C 191 -12.34 12.52 -3.00
C GLN C 191 -12.55 12.78 -1.50
N GLY C 192 -13.73 12.44 -1.00
CA GLY C 192 -14.10 12.65 0.39
C GLY C 192 -15.09 13.79 0.57
N ASP C 193 -15.13 14.73 -0.40
CA ASP C 193 -16.06 15.86 -0.42
C ASP C 193 -17.39 15.46 -1.04
N SER C 194 -17.39 14.32 -1.78
CA SER C 194 -18.55 13.73 -2.45
C SER C 194 -19.79 13.70 -1.57
N GLY C 195 -20.90 14.15 -2.13
CA GLY C 195 -22.17 14.23 -1.41
C GLY C 195 -22.39 15.58 -0.77
N GLY C 196 -21.31 16.32 -0.58
CA GLY C 196 -21.30 17.65 0.02
C GLY C 196 -21.97 18.72 -0.82
N PRO C 197 -22.28 19.89 -0.23
CA PRO C 197 -22.98 20.93 -0.99
C PRO C 197 -22.12 21.94 -1.74
N LEU C 198 -22.68 22.46 -2.83
CA LEU C 198 -22.14 23.53 -3.64
C LEU C 198 -23.17 24.64 -3.46
N VAL C 199 -22.80 25.69 -2.70
CA VAL C 199 -23.68 26.79 -2.36
C VAL C 199 -23.37 28.09 -3.12
N CYS C 200 -24.43 28.77 -3.59
CA CYS C 200 -24.34 30.04 -4.31
C CYS C 200 -25.26 31.06 -3.64
N LYS C 201 -24.70 32.22 -3.26
CA LYS C 201 -25.46 33.29 -2.61
C LYS C 201 -26.22 34.09 -3.68
N VAL C 202 -27.56 33.92 -3.73
CA VAL C 202 -28.44 34.59 -4.68
C VAL C 202 -29.43 35.47 -3.89
N ASN C 203 -29.36 36.81 -4.12
CA ASN C 203 -30.19 37.83 -3.47
C ASN C 203 -30.16 37.76 -1.93
N GLY C 204 -28.95 37.63 -1.38
CA GLY C 204 -28.70 37.53 0.05
C GLY C 204 -29.15 36.24 0.70
N THR C 205 -29.33 35.18 -0.11
CA THR C 205 -29.76 33.86 0.37
C THR C 205 -28.89 32.76 -0.25
N TRP C 206 -28.35 31.87 0.60
CA TRP C 206 -27.52 30.74 0.18
C TRP C 206 -28.39 29.62 -0.37
N LEU C 207 -28.16 29.25 -1.65
CA LEU C 207 -28.91 28.19 -2.32
C LEU C 207 -27.98 27.07 -2.75
N GLN C 208 -28.39 25.80 -2.54
CA GLN C 208 -27.58 24.66 -2.94
C GLN C 208 -27.71 24.40 -4.43
N ALA C 209 -26.70 24.79 -5.21
CA ALA C 209 -26.67 24.62 -6.66
C ALA C 209 -26.39 23.17 -7.06
N GLY C 210 -25.46 22.53 -6.34
CA GLY C 210 -25.06 21.16 -6.63
C GLY C 210 -24.67 20.30 -5.46
N VAL C 211 -24.47 19.01 -5.75
CA VAL C 211 -24.02 17.96 -4.83
C VAL C 211 -22.71 17.46 -5.42
N VAL C 212 -21.60 17.45 -4.65
CA VAL C 212 -20.29 16.98 -5.13
C VAL C 212 -20.47 15.57 -5.70
N SER C 213 -20.19 15.41 -7.00
CA SER C 213 -20.40 14.14 -7.69
C SER C 213 -19.12 13.46 -8.17
N TRP C 214 -18.49 13.98 -9.24
CA TRP C 214 -17.30 13.37 -9.82
C TRP C 214 -16.41 14.37 -10.58
N GLY C 215 -15.43 13.83 -11.28
CA GLY C 215 -14.49 14.58 -12.08
C GLY C 215 -13.25 13.76 -12.39
N GLU C 216 -12.57 14.07 -13.51
CA GLU C 216 -11.32 13.40 -13.88
C GLU C 216 -10.24 14.02 -13.00
N GLY C 217 -10.03 13.38 -11.85
CA GLY C 217 -9.09 13.83 -10.84
C GLY C 217 -9.60 15.05 -10.09
N CYS C 218 -8.68 15.76 -9.41
CA CYS C 218 -8.98 16.95 -8.63
C CYS C 218 -8.09 18.10 -9.09
N ALA C 219 -8.71 19.22 -9.50
CA ALA C 219 -8.08 20.45 -9.99
C ALA C 219 -7.01 20.19 -11.09
N GLN C 220 -7.38 19.33 -12.06
CA GLN C 220 -6.53 18.94 -13.19
C GLN C 220 -6.80 19.84 -14.42
N PRO C 221 -5.80 20.10 -15.30
CA PRO C 221 -6.06 20.96 -16.47
C PRO C 221 -7.20 20.49 -17.38
N ASN C 222 -8.10 21.43 -17.73
CA ASN C 222 -9.28 21.24 -18.58
C ASN C 222 -10.30 20.21 -18.04
N ARG C 223 -10.28 19.95 -16.72
CA ARG C 223 -11.18 18.99 -16.08
C ARG C 223 -11.84 19.58 -14.81
N PRO C 224 -12.81 20.54 -14.93
CA PRO C 224 -13.45 21.08 -13.72
C PRO C 224 -14.31 20.04 -12.98
N GLY C 225 -14.60 20.32 -11.72
CA GLY C 225 -15.40 19.46 -10.87
C GLY C 225 -16.84 19.36 -11.35
N ILE C 226 -17.39 18.14 -11.36
CA ILE C 226 -18.76 17.87 -11.79
C ILE C 226 -19.64 17.70 -10.56
N TYR C 227 -20.81 18.35 -10.58
CA TYR C 227 -21.79 18.33 -9.50
C TYR C 227 -23.15 17.91 -10.03
N THR C 228 -23.97 17.26 -9.18
CA THR C 228 -25.33 16.89 -9.54
C THR C 228 -26.17 18.16 -9.45
N ARG C 229 -26.87 18.51 -10.54
CA ARG C 229 -27.72 19.71 -10.59
C ARG C 229 -28.97 19.51 -9.74
N VAL C 230 -29.05 20.24 -8.60
CA VAL C 230 -30.15 20.17 -7.63
C VAL C 230 -31.52 20.48 -8.28
N THR C 231 -31.58 21.51 -9.15
CA THR C 231 -32.80 21.92 -9.86
C THR C 231 -33.43 20.81 -10.68
N TYR C 232 -32.60 19.95 -11.30
CA TYR C 232 -33.03 18.82 -12.11
C TYR C 232 -33.80 17.78 -11.29
N TYR C 233 -33.43 17.60 -10.00
CA TYR C 233 -34.04 16.61 -9.12
C TYR C 233 -34.93 17.15 -7.98
N LEU C 234 -35.39 18.42 -8.08
CA LEU C 234 -36.25 19.04 -7.07
C LEU C 234 -37.57 18.30 -6.83
N ASP C 235 -38.23 17.83 -7.91
CA ASP C 235 -39.49 17.08 -7.83
C ASP C 235 -39.32 15.77 -7.09
N TRP C 236 -38.21 15.05 -7.36
CA TRP C 236 -37.86 13.79 -6.70
C TRP C 236 -37.57 14.03 -5.21
N ILE C 237 -36.87 15.14 -4.88
CA ILE C 237 -36.55 15.53 -3.50
C ILE C 237 -37.85 15.86 -2.74
N HIS C 238 -38.69 16.75 -3.31
CA HIS C 238 -39.97 17.18 -2.72
C HIS C 238 -41.02 16.06 -2.55
N HIS C 239 -40.83 14.92 -3.25
CA HIS C 239 -41.71 13.75 -3.15
C HIS C 239 -41.50 13.07 -1.80
N TYR C 240 -40.28 13.12 -1.24
CA TYR C 240 -39.92 12.52 0.04
C TYR C 240 -39.82 13.52 1.19
N VAL C 241 -39.17 14.68 0.96
CA VAL C 241 -38.98 15.71 1.98
C VAL C 241 -40.05 16.82 1.93
N PRO C 242 -40.73 17.13 3.07
CA PRO C 242 -41.76 18.18 3.06
C PRO C 242 -41.17 19.59 2.94
N ILE D 1 20.18 -6.26 -6.66
CA ILE D 1 21.50 -5.81 -7.12
C ILE D 1 21.41 -4.38 -7.66
N VAL D 2 22.18 -3.45 -7.05
CA VAL D 2 22.24 -2.05 -7.47
C VAL D 2 23.43 -1.90 -8.43
N GLY D 3 23.13 -1.41 -9.63
CA GLY D 3 24.13 -1.22 -10.68
C GLY D 3 24.48 -2.52 -11.37
N GLY D 4 25.62 -2.52 -12.05
CA GLY D 4 26.10 -3.70 -12.77
C GLY D 4 25.27 -4.04 -13.99
N GLN D 5 25.03 -5.35 -14.21
CA GLN D 5 24.31 -5.87 -15.37
C GLN D 5 23.72 -7.27 -15.15
N GLU D 6 22.96 -7.76 -16.16
CA GLU D 6 22.41 -9.11 -16.18
C GLU D 6 23.59 -10.06 -16.38
N ALA D 7 23.69 -11.09 -15.53
CA ALA D 7 24.76 -12.07 -15.55
C ALA D 7 24.68 -12.98 -16.79
N PRO D 8 25.83 -13.35 -17.42
CA PRO D 8 25.76 -14.29 -18.55
C PRO D 8 25.36 -15.67 -18.05
N ARG D 9 24.76 -16.49 -18.94
CA ARG D 9 24.29 -17.84 -18.62
C ARG D 9 25.38 -18.77 -18.05
N SER D 10 26.62 -18.61 -18.53
CA SER D 10 27.78 -19.40 -18.11
C SER D 10 28.32 -19.04 -16.72
N LYS D 11 27.95 -17.87 -16.18
CA LYS D 11 28.45 -17.40 -14.89
C LYS D 11 27.58 -17.73 -13.67
N TRP D 12 28.24 -17.85 -12.51
CA TRP D 12 27.69 -18.12 -11.17
C TRP D 12 26.81 -19.39 -11.09
N PRO D 13 27.40 -20.61 -11.29
CA PRO D 13 26.59 -21.84 -11.24
C PRO D 13 26.08 -22.24 -9.84
N TRP D 14 26.63 -21.60 -8.80
CA TRP D 14 26.31 -21.83 -7.39
C TRP D 14 25.09 -21.05 -6.88
N GLN D 15 24.69 -19.97 -7.58
CA GLN D 15 23.56 -19.11 -7.21
C GLN D 15 22.27 -19.91 -7.01
N VAL D 16 21.64 -19.72 -5.85
CA VAL D 16 20.42 -20.41 -5.44
C VAL D 16 19.33 -19.39 -5.05
N SER D 17 18.06 -19.73 -5.31
CA SER D 17 16.89 -18.93 -4.95
C SER D 17 16.10 -19.67 -3.86
N LEU D 18 15.85 -19.00 -2.73
CA LEU D 18 15.07 -19.58 -1.63
C LEU D 18 13.62 -19.18 -1.81
N ARG D 19 12.70 -20.16 -1.75
CA ARG D 19 11.27 -19.94 -1.99
C ARG D 19 10.38 -20.24 -0.78
N VAL D 20 9.38 -19.37 -0.55
CA VAL D 20 8.40 -19.51 0.55
C VAL D 20 6.98 -19.72 -0.02
N HIS D 21 6.20 -20.63 0.61
CA HIS D 21 4.83 -20.95 0.19
C HIS D 21 3.82 -19.88 0.58
N GLY D 22 3.14 -19.35 -0.44
CA GLY D 22 2.10 -18.34 -0.32
C GLY D 22 1.14 -18.46 -1.50
N PRO D 23 0.84 -17.37 -2.23
CA PRO D 23 -0.02 -17.50 -3.43
C PRO D 23 0.71 -18.28 -4.54
N TYR D 24 2.06 -18.29 -4.47
CA TYR D 24 3.00 -18.98 -5.35
C TYR D 24 4.32 -19.19 -4.58
N TRP D 25 5.28 -19.94 -5.15
CA TRP D 25 6.58 -20.16 -4.52
C TRP D 25 7.44 -18.91 -4.73
N MET D 26 7.25 -17.93 -3.84
CA MET D 26 7.89 -16.62 -3.89
C MET D 26 9.33 -16.59 -3.41
N HIS D 27 10.20 -15.90 -4.19
CA HIS D 27 11.60 -15.70 -3.84
C HIS D 27 11.65 -14.71 -2.68
N PHE D 28 12.34 -15.07 -1.61
CA PHE D 28 12.48 -14.20 -0.45
C PHE D 28 13.95 -13.89 -0.14
N CYS D 29 14.86 -14.79 -0.56
CA CYS D 29 16.29 -14.68 -0.32
C CYS D 29 17.11 -15.46 -1.33
N GLY D 30 18.38 -15.10 -1.44
CA GLY D 30 19.36 -15.77 -2.28
C GLY D 30 20.13 -16.78 -1.46
N GLY D 31 21.02 -17.51 -2.12
CA GLY D 31 21.85 -18.52 -1.50
C GLY D 31 22.92 -19.04 -2.43
N SER D 32 23.79 -19.90 -1.91
CA SER D 32 24.87 -20.51 -2.68
C SER D 32 25.01 -21.98 -2.39
N LEU D 33 25.23 -22.78 -3.44
CA LEU D 33 25.44 -24.22 -3.30
C LEU D 33 26.92 -24.41 -2.96
N ILE D 34 27.21 -24.89 -1.74
CA ILE D 34 28.57 -25.09 -1.23
C ILE D 34 28.99 -26.57 -1.23
N HIS D 35 27.99 -27.46 -1.29
CA HIS D 35 28.11 -28.92 -1.32
C HIS D 35 26.89 -29.44 -2.10
N PRO D 36 26.97 -30.55 -2.88
CA PRO D 36 25.78 -31.03 -3.62
C PRO D 36 24.48 -31.19 -2.81
N GLN D 37 24.60 -31.33 -1.48
CA GLN D 37 23.44 -31.49 -0.59
C GLN D 37 23.29 -30.31 0.41
N TRP D 38 24.14 -29.27 0.28
CA TRP D 38 24.10 -28.12 1.20
C TRP D 38 24.06 -26.75 0.54
N VAL D 39 23.22 -25.86 1.09
CA VAL D 39 23.03 -24.48 0.64
C VAL D 39 23.42 -23.53 1.78
N LEU D 40 24.29 -22.55 1.48
CA LEU D 40 24.72 -21.52 2.43
C LEU D 40 23.90 -20.25 2.19
N THR D 41 23.32 -19.71 3.28
CA THR D 41 22.48 -18.51 3.23
C THR D 41 22.67 -17.65 4.49
N ALA D 42 21.88 -16.57 4.63
CA ALA D 42 21.89 -15.69 5.78
C ALA D 42 20.85 -16.20 6.77
N ALA D 43 21.15 -16.09 8.05
CA ALA D 43 20.27 -16.52 9.14
C ALA D 43 18.97 -15.71 9.21
N HIS D 44 19.00 -14.40 8.89
CA HIS D 44 17.80 -13.55 8.91
C HIS D 44 16.74 -13.95 7.89
N CYS D 45 17.15 -14.67 6.83
CA CYS D 45 16.28 -15.19 5.78
C CYS D 45 15.39 -16.30 6.33
N VAL D 46 15.97 -17.18 7.18
CA VAL D 46 15.28 -18.34 7.75
C VAL D 46 15.18 -18.33 9.30
N GLY D 47 15.35 -17.16 9.90
CA GLY D 47 15.28 -17.02 11.35
C GLY D 47 15.12 -15.60 11.86
N PRO D 48 15.28 -15.35 13.19
CA PRO D 48 15.65 -16.30 14.25
C PRO D 48 14.54 -17.25 14.69
N ASP D 49 13.27 -16.95 14.36
CA ASP D 49 12.15 -17.82 14.72
C ASP D 49 12.06 -19.06 13.84
N VAL D 50 11.68 -20.21 14.46
CA VAL D 50 11.57 -21.53 13.83
C VAL D 50 10.61 -21.51 12.63
N LYS D 51 11.09 -22.04 11.48
CA LYS D 51 10.33 -22.09 10.23
C LYS D 51 9.86 -23.50 9.92
N ASP D 52 8.72 -23.61 9.21
CA ASP D 52 8.13 -24.87 8.76
C ASP D 52 8.90 -25.33 7.51
N LEU D 53 9.50 -26.53 7.57
CA LEU D 53 10.29 -27.16 6.51
C LEU D 53 9.51 -27.32 5.20
N ALA D 54 8.21 -27.72 5.29
CA ALA D 54 7.30 -27.94 4.17
C ALA D 54 6.99 -26.66 3.37
N ALA D 55 7.09 -25.48 4.04
CA ALA D 55 6.83 -24.17 3.45
C ALA D 55 8.06 -23.57 2.74
N LEU D 56 9.17 -24.33 2.68
CA LEU D 56 10.42 -23.87 2.06
C LEU D 56 10.88 -24.75 0.90
N ARG D 57 11.38 -24.10 -0.17
CA ARG D 57 11.93 -24.77 -1.35
C ARG D 57 13.20 -24.08 -1.82
N VAL D 58 14.08 -24.84 -2.47
CA VAL D 58 15.34 -24.35 -3.02
C VAL D 58 15.28 -24.47 -4.55
N GLN D 59 15.60 -23.36 -5.23
CA GLN D 59 15.64 -23.31 -6.69
C GLN D 59 17.09 -23.09 -7.11
N LEU D 60 17.62 -23.99 -7.95
CA LEU D 60 19.00 -23.90 -8.45
C LEU D 60 19.11 -22.80 -9.51
N ARG D 61 20.35 -22.46 -9.94
CA ARG D 61 20.65 -21.41 -10.91
C ARG D 61 19.63 -21.24 -12.03
N GLU D 62 19.00 -20.06 -12.05
CA GLU D 62 18.00 -19.66 -13.04
C GLU D 62 18.43 -18.36 -13.69
N GLN D 63 18.40 -18.30 -15.02
CA GLN D 63 18.75 -17.07 -15.74
C GLN D 63 17.62 -16.05 -15.54
N HIS D 64 16.38 -16.53 -15.50
CA HIS D 64 15.18 -15.73 -15.28
C HIS D 64 14.33 -16.40 -14.18
N LEU D 65 14.18 -15.71 -13.03
CA LEU D 65 13.43 -16.18 -11.86
C LEU D 65 12.01 -16.58 -12.23
N TYR D 66 11.56 -17.75 -11.71
CA TYR D 66 10.21 -18.34 -11.87
C TYR D 66 9.93 -19.03 -13.22
N TYR D 67 10.72 -18.73 -14.27
CA TYR D 67 10.50 -19.27 -15.62
C TYR D 67 10.79 -20.75 -15.87
N GLN D 68 11.89 -21.28 -15.32
CA GLN D 68 12.26 -22.70 -15.50
C GLN D 68 12.36 -23.39 -14.12
N ASP D 69 11.29 -23.27 -13.30
CA ASP D 69 11.22 -23.79 -11.94
C ASP D 69 11.24 -25.32 -11.79
N GLN D 70 12.13 -25.78 -10.90
CA GLN D 70 12.32 -27.17 -10.48
C GLN D 70 12.64 -27.09 -8.98
N LEU D 71 11.59 -26.90 -8.16
CA LEU D 71 11.71 -26.73 -6.71
C LEU D 71 12.18 -27.97 -5.98
N LEU D 72 13.19 -27.80 -5.11
CA LEU D 72 13.78 -28.88 -4.33
C LEU D 72 13.42 -28.77 -2.84
N PRO D 73 12.93 -29.86 -2.21
CA PRO D 73 12.60 -29.78 -0.78
C PRO D 73 13.83 -29.76 0.13
N VAL D 74 13.68 -29.19 1.33
CA VAL D 74 14.73 -29.04 2.35
C VAL D 74 14.48 -30.03 3.50
N SER D 75 15.53 -30.76 3.93
CA SER D 75 15.46 -31.74 5.03
C SER D 75 15.88 -31.16 6.38
N ARG D 76 16.76 -30.14 6.39
CA ARG D 76 17.24 -29.51 7.63
C ARG D 76 17.51 -28.02 7.48
N ILE D 77 17.12 -27.23 8.50
CA ILE D 77 17.35 -25.79 8.57
C ILE D 77 18.24 -25.54 9.79
N ILE D 78 19.54 -25.26 9.56
CA ILE D 78 20.50 -25.01 10.63
C ILE D 78 20.90 -23.54 10.64
N VAL D 79 20.49 -22.83 11.69
CA VAL D 79 20.74 -21.40 11.88
C VAL D 79 21.78 -21.24 13.01
N HIS D 80 22.79 -20.38 12.82
CA HIS D 80 23.83 -20.14 13.82
C HIS D 80 23.23 -19.76 15.18
N PRO D 81 23.61 -20.46 16.27
CA PRO D 81 23.00 -20.17 17.59
C PRO D 81 23.19 -18.75 18.12
N GLN D 82 24.27 -18.06 17.68
CA GLN D 82 24.57 -16.69 18.11
C GLN D 82 23.72 -15.64 17.37
N PHE D 83 22.94 -16.08 16.37
CA PHE D 83 22.09 -15.17 15.60
C PHE D 83 20.80 -14.74 16.27
N TYR D 84 20.55 -13.42 16.22
CA TYR D 84 19.31 -12.79 16.63
C TYR D 84 18.91 -11.73 15.58
N THR D 85 19.85 -10.80 15.26
CA THR D 85 19.67 -9.78 14.22
C THR D 85 20.97 -9.67 13.42
N ALA D 86 20.88 -9.17 12.17
CA ALA D 86 22.02 -8.99 11.27
C ALA D 86 23.02 -7.96 11.81
N GLN D 87 22.55 -7.00 12.64
CA GLN D 87 23.38 -5.94 13.23
C GLN D 87 24.25 -6.48 14.37
N ILE D 88 23.74 -7.49 15.11
CA ILE D 88 24.48 -8.12 16.21
C ILE D 88 25.55 -9.06 15.64
N GLY D 89 25.23 -9.73 14.53
CA GLY D 89 26.14 -10.63 13.84
C GLY D 89 25.65 -12.05 13.74
N ALA D 90 26.57 -12.97 13.33
CA ALA D 90 26.33 -14.40 13.11
C ALA D 90 25.20 -14.68 12.13
N ASP D 91 25.03 -13.76 11.14
CA ASP D 91 24.00 -13.87 10.12
C ASP D 91 24.39 -14.89 9.06
N ILE D 92 24.37 -16.17 9.46
CA ILE D 92 24.72 -17.30 8.62
C ILE D 92 23.83 -18.50 8.93
N ALA D 93 23.44 -19.25 7.88
CA ALA D 93 22.59 -20.43 8.01
C ALA D 93 22.90 -21.46 6.94
N LEU D 94 22.53 -22.72 7.21
CA LEU D 94 22.73 -23.85 6.31
C LEU D 94 21.40 -24.55 6.06
N LEU D 95 21.16 -24.91 4.79
CA LEU D 95 19.97 -25.64 4.39
C LEU D 95 20.39 -26.96 3.75
N GLU D 96 20.01 -28.09 4.38
CA GLU D 96 20.34 -29.40 3.83
C GLU D 96 19.22 -29.83 2.89
N LEU D 97 19.58 -30.18 1.65
CA LEU D 97 18.61 -30.65 0.67
C LEU D 97 18.23 -32.10 1.01
N GLU D 98 16.99 -32.50 0.68
CA GLU D 98 16.50 -33.87 0.93
C GLU D 98 17.34 -34.90 0.16
N GLU D 99 17.77 -34.54 -1.06
CA GLU D 99 18.58 -35.37 -1.95
C GLU D 99 19.74 -34.54 -2.53
N PRO D 100 20.92 -35.14 -2.82
CA PRO D 100 22.02 -34.35 -3.41
C PRO D 100 21.74 -34.01 -4.87
N VAL D 101 22.33 -32.91 -5.37
CA VAL D 101 22.13 -32.47 -6.75
C VAL D 101 23.17 -33.03 -7.73
N LYS D 102 22.73 -33.39 -8.95
CA LYS D 102 23.61 -33.89 -10.00
C LYS D 102 24.35 -32.71 -10.62
N VAL D 103 25.63 -32.56 -10.23
CA VAL D 103 26.53 -31.47 -10.63
C VAL D 103 26.85 -31.47 -12.14
N SER D 104 26.77 -30.28 -12.76
CA SER D 104 27.06 -30.03 -14.18
C SER D 104 27.90 -28.75 -14.33
N SER D 105 28.30 -28.40 -15.57
CA SER D 105 29.08 -27.19 -15.86
C SER D 105 28.25 -25.92 -15.65
N HIS D 106 26.91 -26.02 -15.81
CA HIS D 106 25.96 -24.93 -15.64
C HIS D 106 25.49 -24.77 -14.18
N VAL D 107 25.46 -25.88 -13.41
CA VAL D 107 25.04 -25.90 -12.00
C VAL D 107 26.06 -26.70 -11.16
N HIS D 108 26.92 -25.99 -10.39
CA HIS D 108 27.92 -26.61 -9.50
C HIS D 108 28.24 -25.76 -8.26
N THR D 109 28.97 -26.35 -7.30
CA THR D 109 29.33 -25.75 -6.01
C THR D 109 30.37 -24.62 -6.09
N VAL D 110 30.40 -23.76 -5.05
CA VAL D 110 31.36 -22.67 -4.88
C VAL D 110 32.41 -23.11 -3.84
N THR D 111 33.67 -22.75 -4.07
CA THR D 111 34.76 -23.10 -3.16
C THR D 111 34.79 -22.12 -1.98
N LEU D 112 34.87 -22.65 -0.75
CA LEU D 112 34.96 -21.84 0.46
C LEU D 112 36.42 -21.40 0.64
N PRO D 113 36.69 -20.16 1.09
CA PRO D 113 38.09 -19.70 1.21
C PRO D 113 38.85 -20.34 2.38
N PRO D 114 40.22 -20.40 2.36
CA PRO D 114 40.96 -20.98 3.50
C PRO D 114 40.76 -20.22 4.82
N ALA D 115 41.06 -20.87 5.95
CA ALA D 115 40.92 -20.35 7.32
C ALA D 115 41.58 -18.99 7.59
N SER D 116 42.75 -18.73 7.00
CA SER D 116 43.51 -17.49 7.19
C SER D 116 43.39 -16.48 6.02
N GLU D 117 42.44 -16.72 5.10
CA GLU D 117 42.22 -15.85 3.94
C GLU D 117 41.55 -14.53 4.30
N THR D 118 42.20 -13.42 3.91
CA THR D 118 41.71 -12.06 4.10
C THR D 118 41.43 -11.49 2.72
N PHE D 119 40.42 -10.62 2.61
CA PHE D 119 40.06 -10.02 1.33
C PHE D 119 40.35 -8.50 1.34
N PRO D 120 41.56 -8.09 0.89
CA PRO D 120 41.89 -6.66 0.92
C PRO D 120 41.28 -5.85 -0.24
N PRO D 121 41.23 -4.49 -0.17
CA PRO D 121 40.66 -3.71 -1.29
C PRO D 121 41.40 -3.91 -2.62
N GLY D 122 40.67 -3.76 -3.72
CA GLY D 122 41.22 -3.90 -5.07
C GLY D 122 40.96 -5.25 -5.72
N MET D 123 40.70 -6.29 -4.89
CA MET D 123 40.42 -7.66 -5.31
C MET D 123 39.20 -7.74 -6.24
N PRO D 124 39.22 -8.58 -7.30
CA PRO D 124 38.05 -8.67 -8.19
C PRO D 124 36.94 -9.49 -7.54
N CYS D 125 35.94 -8.78 -6.96
CA CYS D 125 34.81 -9.37 -6.26
C CYS D 125 33.46 -9.00 -6.86
N TRP D 126 32.55 -9.99 -6.95
CA TRP D 126 31.21 -9.82 -7.50
C TRP D 126 30.13 -10.32 -6.54
N VAL D 127 29.00 -9.62 -6.51
CA VAL D 127 27.82 -10.01 -5.74
C VAL D 127 26.66 -10.25 -6.72
N THR D 128 25.93 -11.36 -6.53
CA THR D 128 24.85 -11.76 -7.43
C THR D 128 23.51 -11.99 -6.71
N GLY D 129 22.42 -11.85 -7.46
CA GLY D 129 21.07 -12.06 -6.94
C GLY D 129 19.96 -11.46 -7.77
N TRP D 130 18.72 -11.71 -7.34
CA TRP D 130 17.49 -11.23 -7.99
C TRP D 130 16.78 -10.16 -7.14
N GLY D 131 17.52 -9.51 -6.26
CA GLY D 131 16.99 -8.47 -5.39
C GLY D 131 16.69 -7.16 -6.08
N ASP D 132 16.27 -6.16 -5.29
CA ASP D 132 15.91 -4.82 -5.75
C ASP D 132 17.07 -4.12 -6.46
N VAL D 133 16.75 -3.36 -7.52
CA VAL D 133 17.72 -2.63 -8.35
C VAL D 133 18.18 -1.30 -7.72
N ASP D 134 17.42 -0.81 -6.72
CA ASP D 134 17.66 0.42 -5.95
C ASP D 134 16.73 0.40 -4.73
N ASN D 135 16.81 1.44 -3.87
CA ASN D 135 15.95 1.59 -2.69
C ASN D 135 14.49 1.68 -3.11
N ASP D 136 13.66 0.70 -2.68
CA ASP D 136 12.24 0.56 -3.01
C ASP D 136 11.92 0.45 -4.52
N GLU D 137 12.88 -0.13 -5.29
CA GLU D 137 12.74 -0.35 -6.73
C GLU D 137 13.02 -1.83 -7.03
N ARG D 138 11.94 -2.62 -7.16
CA ARG D 138 11.98 -4.07 -7.42
C ARG D 138 12.62 -4.42 -8.76
N LEU D 139 13.20 -5.64 -8.86
CA LEU D 139 13.78 -6.15 -10.09
C LEU D 139 12.61 -6.42 -11.06
N PRO D 140 12.57 -5.75 -12.23
CA PRO D 140 11.43 -5.92 -13.14
C PRO D 140 11.40 -7.28 -13.84
N PRO D 141 10.21 -7.77 -14.28
CA PRO D 141 10.17 -9.05 -15.03
C PRO D 141 10.89 -8.91 -16.38
N PRO D 142 11.49 -9.97 -16.98
CA PRO D 142 11.47 -11.41 -16.60
C PRO D 142 12.41 -11.82 -15.46
N PHE D 143 12.76 -10.87 -14.57
CA PHE D 143 13.62 -11.04 -13.40
C PHE D 143 14.97 -11.70 -13.74
N PRO D 144 15.87 -10.99 -14.47
CA PRO D 144 17.16 -11.61 -14.82
C PRO D 144 18.12 -11.66 -13.65
N LEU D 145 18.96 -12.71 -13.59
CA LEU D 145 19.98 -12.82 -12.54
C LEU D 145 20.99 -11.71 -12.79
N LYS D 146 21.16 -10.84 -11.79
CA LYS D 146 22.05 -9.70 -11.89
C LYS D 146 23.37 -9.93 -11.18
N GLN D 147 24.41 -9.23 -11.62
CA GLN D 147 25.76 -9.25 -11.06
C GLN D 147 26.28 -7.82 -10.99
N VAL D 148 27.20 -7.56 -10.06
CA VAL D 148 27.85 -6.27 -9.89
C VAL D 148 29.22 -6.43 -9.24
N LYS D 149 30.26 -5.84 -9.85
CA LYS D 149 31.60 -5.87 -9.31
C LYS D 149 31.63 -4.85 -8.17
N VAL D 150 31.92 -5.30 -6.94
CA VAL D 150 31.90 -4.42 -5.77
C VAL D 150 33.27 -4.24 -5.13
N PRO D 151 33.73 -2.97 -4.90
CA PRO D 151 35.04 -2.77 -4.26
C PRO D 151 35.00 -3.04 -2.77
N ILE D 152 35.96 -3.82 -2.27
CA ILE D 152 36.08 -4.18 -0.86
C ILE D 152 36.66 -2.99 -0.08
N MET D 153 36.15 -2.76 1.13
CA MET D 153 36.60 -1.72 2.04
C MET D 153 37.04 -2.40 3.33
N GLU D 154 38.16 -1.92 3.94
CA GLU D 154 38.68 -2.47 5.19
C GLU D 154 37.66 -2.28 6.33
N ASN D 155 37.58 -3.28 7.23
CA ASN D 155 36.64 -3.30 8.37
C ASN D 155 36.65 -2.05 9.24
N HIS D 156 37.84 -1.55 9.63
CA HIS D 156 37.98 -0.36 10.48
C HIS D 156 37.56 0.93 9.77
N ILE D 157 37.83 1.02 8.44
CA ILE D 157 37.47 2.16 7.60
C ILE D 157 35.95 2.19 7.39
N CYS D 158 35.35 1.01 7.10
CA CYS D 158 33.92 0.86 6.90
C CYS D 158 33.13 1.13 8.18
N ASP D 159 33.68 0.71 9.34
CA ASP D 159 33.10 0.91 10.66
C ASP D 159 33.01 2.40 10.99
N ALA D 160 34.11 3.13 10.78
CA ALA D 160 34.18 4.58 11.01
C ALA D 160 33.28 5.35 10.03
N LYS D 161 33.07 4.79 8.81
CA LYS D 161 32.17 5.38 7.81
C LYS D 161 30.70 5.28 8.24
N TYR D 162 30.33 4.21 8.95
CA TYR D 162 28.98 4.01 9.48
C TYR D 162 28.67 4.98 10.62
N HIS D 163 29.72 5.53 11.26
CA HIS D 163 29.63 6.51 12.36
C HIS D 163 29.41 7.93 11.84
N LEU D 164 29.60 8.17 10.52
CA LEU D 164 29.43 9.49 9.89
C LEU D 164 27.96 9.90 9.88
N GLY D 165 27.67 11.04 10.48
CA GLY D 165 26.32 11.57 10.60
C GLY D 165 25.45 10.75 11.53
N ALA D 166 26.10 10.09 12.52
CA ALA D 166 25.44 9.23 13.51
C ALA D 166 25.87 9.61 14.93
N TYR D 167 24.95 9.45 15.90
CA TYR D 167 25.21 9.75 17.32
C TYR D 167 26.07 8.69 17.99
N THR D 168 26.14 7.46 17.41
CA THR D 168 26.90 6.33 17.94
C THR D 168 28.37 6.69 18.14
N GLY D 169 28.88 6.41 19.34
CA GLY D 169 30.27 6.68 19.73
C GLY D 169 31.27 5.95 18.87
N ASP D 170 32.39 6.63 18.56
CA ASP D 170 33.48 6.11 17.72
C ASP D 170 34.09 4.82 18.24
N ASP D 171 34.06 4.62 19.57
CA ASP D 171 34.58 3.44 20.27
C ASP D 171 33.59 2.26 20.23
N VAL D 172 32.32 2.51 19.84
CA VAL D 172 31.26 1.49 19.74
C VAL D 172 31.26 0.94 18.31
N ARG D 173 31.64 -0.34 18.15
CA ARG D 173 31.73 -0.98 16.84
C ARG D 173 30.38 -1.30 16.19
N ILE D 174 30.19 -0.81 14.97
CA ILE D 174 28.98 -1.04 14.14
C ILE D 174 29.27 -2.24 13.22
N VAL D 175 30.38 -2.19 12.48
CA VAL D 175 30.83 -3.26 11.58
C VAL D 175 31.74 -4.18 12.40
N ARG D 176 31.19 -5.31 12.86
CA ARG D 176 31.89 -6.28 13.70
C ARG D 176 32.93 -7.13 12.94
N ASP D 177 33.79 -7.85 13.69
CA ASP D 177 34.86 -8.70 13.16
C ASP D 177 34.38 -9.85 12.28
N ASP D 178 33.13 -10.32 12.48
CA ASP D 178 32.52 -11.39 11.70
C ASP D 178 31.83 -10.83 10.44
N MET D 179 32.07 -9.55 10.13
CA MET D 179 31.47 -8.88 8.98
C MET D 179 32.52 -8.43 7.95
N LEU D 180 32.07 -8.24 6.70
CA LEU D 180 32.89 -7.80 5.58
C LEU D 180 32.16 -6.67 4.85
N CYS D 181 32.90 -5.63 4.42
CA CYS D 181 32.34 -4.50 3.71
C CYS D 181 32.70 -4.46 2.25
N ALA D 182 31.71 -4.15 1.40
CA ALA D 182 31.85 -4.07 -0.05
C ALA D 182 30.75 -3.20 -0.67
N GLY D 183 31.12 -2.50 -1.75
CA GLY D 183 30.22 -1.66 -2.51
C GLY D 183 30.36 -0.17 -2.27
N ASN D 184 29.64 0.62 -3.08
CA ASN D 184 29.60 2.09 -3.01
C ASN D 184 28.22 2.62 -3.45
N THR D 185 28.13 3.92 -3.80
CA THR D 185 26.90 4.60 -4.23
C THR D 185 26.35 4.13 -5.59
N ARG D 186 27.15 3.41 -6.37
CA ARG D 186 26.74 2.93 -7.69
C ARG D 186 26.65 1.40 -7.76
N ARG D 187 27.42 0.71 -6.91
CA ARG D 187 27.53 -0.75 -6.87
C ARG D 187 27.16 -1.29 -5.49
N ASP D 188 26.08 -2.11 -5.39
CA ASP D 188 25.65 -2.68 -4.09
C ASP D 188 24.67 -3.84 -4.22
N SER D 189 24.52 -4.60 -3.11
CA SER D 189 23.53 -5.65 -2.93
C SER D 189 22.33 -4.96 -2.27
N CYS D 190 21.13 -5.51 -2.41
CA CYS D 190 19.92 -4.90 -1.84
C CYS D 190 18.95 -5.96 -1.29
N GLN D 191 17.75 -5.52 -0.83
CA GLN D 191 16.69 -6.39 -0.30
C GLN D 191 16.33 -7.41 -1.39
N GLY D 192 16.39 -8.69 -1.04
CA GLY D 192 16.13 -9.78 -1.97
C GLY D 192 17.39 -10.51 -2.40
N ASP D 193 18.56 -9.85 -2.26
CA ASP D 193 19.87 -10.43 -2.55
C ASP D 193 20.40 -11.14 -1.31
N SER D 194 19.83 -10.83 -0.12
CA SER D 194 20.17 -11.38 1.19
C SER D 194 20.32 -12.89 1.14
N GLY D 195 21.40 -13.39 1.74
CA GLY D 195 21.73 -14.81 1.75
C GLY D 195 22.59 -15.23 0.59
N GLY D 196 22.61 -14.41 -0.47
CA GLY D 196 23.38 -14.64 -1.68
C GLY D 196 24.88 -14.51 -1.52
N PRO D 197 25.66 -14.96 -2.52
CA PRO D 197 27.12 -14.92 -2.38
C PRO D 197 27.83 -13.66 -2.86
N LEU D 198 28.98 -13.39 -2.22
CA LEU D 198 29.94 -12.37 -2.58
C LEU D 198 31.17 -13.19 -2.92
N VAL D 199 31.48 -13.31 -4.22
CA VAL D 199 32.58 -14.12 -4.72
C VAL D 199 33.76 -13.32 -5.21
N CYS D 200 34.99 -13.75 -4.87
CA CYS D 200 36.24 -13.11 -5.25
C CYS D 200 37.14 -14.11 -6.00
N LYS D 201 37.70 -13.68 -7.14
CA LYS D 201 38.60 -14.52 -7.94
C LYS D 201 40.02 -14.41 -7.36
N VAL D 202 40.45 -15.45 -6.62
CA VAL D 202 41.78 -15.52 -6.00
C VAL D 202 42.55 -16.68 -6.65
N ASN D 203 43.66 -16.35 -7.35
CA ASN D 203 44.54 -17.29 -8.06
C ASN D 203 43.78 -18.14 -9.11
N GLY D 204 42.90 -17.48 -9.86
CA GLY D 204 42.08 -18.09 -10.91
C GLY D 204 40.90 -18.92 -10.41
N THR D 205 40.73 -19.02 -9.08
CA THR D 205 39.66 -19.77 -8.42
C THR D 205 38.68 -18.83 -7.72
N TRP D 206 37.36 -19.08 -7.88
CA TRP D 206 36.31 -18.29 -7.25
C TRP D 206 36.11 -18.74 -5.80
N LEU D 207 36.21 -17.80 -4.85
CA LEU D 207 36.02 -18.06 -3.42
C LEU D 207 34.91 -17.21 -2.85
N GLN D 208 34.00 -17.82 -2.06
CA GLN D 208 32.91 -17.07 -1.46
C GLN D 208 33.40 -16.31 -0.23
N ALA D 209 33.66 -15.00 -0.40
CA ALA D 209 34.15 -14.11 0.66
C ALA D 209 33.07 -13.79 1.69
N GLY D 210 31.84 -13.56 1.22
CA GLY D 210 30.74 -13.21 2.11
C GLY D 210 29.36 -13.70 1.70
N VAL D 211 28.40 -13.46 2.62
CA VAL D 211 26.98 -13.76 2.49
C VAL D 211 26.26 -12.43 2.67
N VAL D 212 25.40 -12.02 1.70
CA VAL D 212 24.64 -10.76 1.78
C VAL D 212 23.87 -10.74 3.09
N SER D 213 24.18 -9.76 3.96
CA SER D 213 23.58 -9.66 5.29
C SER D 213 22.69 -8.43 5.48
N TRP D 214 23.28 -7.22 5.53
CA TRP D 214 22.54 -5.99 5.78
C TRP D 214 23.28 -4.74 5.30
N GLY D 215 22.74 -3.59 5.67
CA GLY D 215 23.27 -2.27 5.36
C GLY D 215 22.21 -1.22 5.57
N GLU D 216 22.62 0.05 5.77
CA GLU D 216 21.68 1.16 5.92
C GLU D 216 21.27 1.55 4.51
N GLY D 217 20.19 0.95 4.05
CA GLY D 217 19.67 1.13 2.71
C GLY D 217 20.53 0.44 1.67
N CYS D 218 20.40 0.86 0.41
CA CYS D 218 21.14 0.29 -0.72
C CYS D 218 21.85 1.40 -1.49
N ALA D 219 23.17 1.27 -1.66
CA ALA D 219 24.07 2.21 -2.36
C ALA D 219 23.91 3.68 -1.88
N GLN D 220 23.84 3.87 -0.55
CA GLN D 220 23.70 5.17 0.09
C GLN D 220 25.07 5.75 0.48
N PRO D 221 25.25 7.10 0.50
CA PRO D 221 26.57 7.66 0.86
C PRO D 221 27.06 7.23 2.24
N ASN D 222 28.34 6.84 2.32
CA ASN D 222 29.05 6.39 3.53
C ASN D 222 28.41 5.17 4.23
N ARG D 223 27.61 4.38 3.48
CA ARG D 223 26.95 3.17 3.99
C ARG D 223 27.16 1.98 3.03
N PRO D 224 28.38 1.40 2.94
CA PRO D 224 28.58 0.24 2.04
C PRO D 224 27.84 -1.00 2.53
N GLY D 225 27.60 -1.94 1.61
CA GLY D 225 26.91 -3.20 1.88
C GLY D 225 27.70 -4.08 2.83
N ILE D 226 26.99 -4.64 3.84
CA ILE D 226 27.61 -5.49 4.85
C ILE D 226 27.29 -6.96 4.60
N TYR D 227 28.34 -7.78 4.66
CA TYR D 227 28.31 -9.20 4.39
C TYR D 227 28.83 -9.98 5.59
N THR D 228 28.32 -11.21 5.80
CA THR D 228 28.80 -12.08 6.86
C THR D 228 30.13 -12.64 6.36
N ARG D 229 31.21 -12.52 7.16
CA ARG D 229 32.53 -13.02 6.77
C ARG D 229 32.53 -14.55 6.90
N VAL D 230 32.64 -15.24 5.73
CA VAL D 230 32.63 -16.70 5.64
C VAL D 230 33.74 -17.38 6.47
N THR D 231 34.99 -16.84 6.39
CA THR D 231 36.16 -17.35 7.13
C THR D 231 35.95 -17.45 8.64
N TYR D 232 35.14 -16.54 9.21
CA TYR D 232 34.81 -16.49 10.63
C TYR D 232 33.96 -17.69 11.07
N TYR D 233 33.07 -18.19 10.20
CA TYR D 233 32.15 -19.30 10.51
C TYR D 233 32.47 -20.63 9.82
N LEU D 234 33.71 -20.76 9.34
CA LEU D 234 34.23 -21.94 8.64
C LEU D 234 34.15 -23.23 9.47
N ASP D 235 34.49 -23.15 10.79
CA ASP D 235 34.43 -24.29 11.73
C ASP D 235 32.99 -24.73 11.95
N TRP D 236 32.07 -23.75 12.06
CA TRP D 236 30.64 -24.00 12.23
C TRP D 236 30.04 -24.67 10.99
N ILE D 237 30.45 -24.21 9.77
CA ILE D 237 30.00 -24.76 8.48
C ILE D 237 30.48 -26.21 8.34
N HIS D 238 31.80 -26.45 8.52
CA HIS D 238 32.44 -27.77 8.41
C HIS D 238 31.96 -28.82 9.43
N HIS D 239 31.25 -28.38 10.49
CA HIS D 239 30.68 -29.25 11.51
C HIS D 239 29.49 -30.03 10.93
N TYR D 240 28.80 -29.46 9.93
CA TYR D 240 27.63 -30.05 9.27
C TYR D 240 27.91 -30.44 7.82
N VAL D 241 28.76 -29.66 7.12
CA VAL D 241 29.10 -29.85 5.70
C VAL D 241 30.40 -30.67 5.52
N PRO D 242 30.37 -31.79 4.74
CA PRO D 242 31.60 -32.58 4.55
C PRO D 242 32.61 -31.91 3.62
#